data_2C2L
#
_entry.id   2C2L
#
_cell.length_a   76.042
_cell.length_b   204.406
_cell.length_c   144.709
_cell.angle_alpha   90.00
_cell.angle_beta   90.75
_cell.angle_gamma   90.00
#
_symmetry.space_group_name_H-M   'C 1 2 1'
#
loop_
_entity.id
_entity.type
_entity.pdbx_description
1 polymer 'CARBOXY TERMINUS OF HSP70-INTERACTING PROTEIN'
2 polymer HSP90
3 non-polymer 'SULFATE ION'
4 non-polymer 'NICKEL (II) ION'
5 water water
#
loop_
_entity_poly.entity_id
_entity_poly.type
_entity_poly.pdbx_seq_one_letter_code
_entity_poly.pdbx_strand_id
1 'polypeptide(L)'
;SPSAQELKEQGNRLFVGRKYPEAAACYGRAITRNPLVAVYYTNRALCYLKMQQPEQALADCRRALELDGQSVKAHFFLGQ
CQLEMESYDEAIANLQRAYSLAKEQRLNFGDDIPSALRIAKKKRWNSIEERRIHQESELHSYLTRLIAAERERELEECQR
NHEGHEDDGHIRAQQACIEAKHDKYMADMDELFSQVDEKRKKRDIPDYLCGKISFELMREPCITPSGITYDRKDIEEHLQ
RVGHFNPVTRSPLTQEQLIPNLAMKEVIDAFISENGWVEDY
;
A,B,C,D
2 'polypeptide(L)' DTSRMEEVD E,F,G,H
#
loop_
_chem_comp.id
_chem_comp.type
_chem_comp.name
_chem_comp.formula
NI non-polymer 'NICKEL (II) ION' 'Ni 2'
SO4 non-polymer 'SULFATE ION' 'O4 S -2'
#
# COMPACT_ATOMS: atom_id res chain seq x y z
N SER A 1 -11.54 22.75 -31.01
CA SER A 1 -12.89 22.71 -30.37
C SER A 1 -12.88 22.68 -28.84
N PRO A 2 -11.85 22.04 -28.21
CA PRO A 2 -11.77 21.96 -26.75
C PRO A 2 -11.11 23.21 -26.19
N SER A 3 -11.57 23.65 -25.02
CA SER A 3 -11.06 24.84 -24.33
C SER A 3 -9.73 24.56 -23.65
N ALA A 4 -8.90 25.59 -23.54
CA ALA A 4 -7.61 25.43 -22.90
C ALA A 4 -7.77 24.86 -21.49
N GLN A 5 -8.77 25.31 -20.74
CA GLN A 5 -8.97 24.80 -19.37
C GLN A 5 -9.32 23.33 -19.33
N GLU A 6 -9.87 22.82 -20.43
CA GLU A 6 -10.25 21.42 -20.51
C GLU A 6 -9.01 20.59 -20.88
N LEU A 7 -8.20 21.13 -21.80
CA LEU A 7 -6.97 20.46 -22.26
C LEU A 7 -6.00 20.32 -21.12
N LYS A 8 -6.00 21.27 -20.22
CA LYS A 8 -5.12 21.17 -19.09
C LYS A 8 -5.63 20.03 -18.22
N GLU A 9 -6.92 20.04 -17.87
CA GLU A 9 -7.49 18.97 -17.06
C GLU A 9 -7.14 17.62 -17.66
N GLN A 10 -7.30 17.50 -18.97
CA GLN A 10 -6.98 16.27 -19.66
C GLN A 10 -5.55 15.88 -19.29
N GLY A 11 -4.59 16.73 -19.65
CA GLY A 11 -3.20 16.45 -19.33
C GLY A 11 -3.02 16.10 -17.88
N ASN A 12 -3.75 16.76 -16.99
CA ASN A 12 -3.67 16.49 -15.54
C ASN A 12 -3.98 15.04 -15.21
N ARG A 13 -4.95 14.48 -15.94
CA ARG A 13 -5.37 13.09 -15.76
C ARG A 13 -4.29 12.15 -16.27
N LEU A 14 -3.68 12.52 -17.38
CA LEU A 14 -2.62 11.73 -17.97
C LEU A 14 -1.41 11.73 -17.08
N PHE A 15 -0.97 12.91 -16.69
CA PHE A 15 0.22 12.98 -15.88
C PHE A 15 0.08 12.17 -14.62
N VAL A 16 -1.11 12.16 -14.04
CA VAL A 16 -1.29 11.38 -12.84
C VAL A 16 -1.18 9.92 -13.21
N GLY A 17 -1.66 9.61 -14.42
CA GLY A 17 -1.64 8.26 -14.95
C GLY A 17 -0.26 7.91 -15.49
N ARG A 18 0.70 8.76 -15.16
CA ARG A 18 2.08 8.53 -15.58
C ARG A 18 2.34 8.53 -17.07
N LYS A 19 1.38 9.02 -17.86
CA LYS A 19 1.57 9.12 -19.30
C LYS A 19 2.22 10.50 -19.53
N TYR A 20 3.51 10.63 -19.21
CA TYR A 20 4.21 11.91 -19.32
C TYR A 20 4.39 12.49 -20.70
N PRO A 21 4.75 11.66 -21.69
CA PRO A 21 4.91 12.22 -23.04
C PRO A 21 3.56 12.68 -23.60
N GLU A 22 2.49 11.98 -23.21
CA GLU A 22 1.12 12.29 -23.66
C GLU A 22 0.50 13.51 -23.00
N ALA A 23 0.71 13.66 -21.69
CA ALA A 23 0.19 14.78 -20.93
C ALA A 23 0.91 16.04 -21.41
N ALA A 24 2.22 15.95 -21.53
CA ALA A 24 3.00 17.08 -21.98
C ALA A 24 2.46 17.61 -23.30
N ALA A 25 2.22 16.71 -24.25
CA ALA A 25 1.70 17.11 -25.55
C ALA A 25 0.32 17.71 -25.39
N CYS A 26 -0.34 17.36 -24.29
CA CYS A 26 -1.68 17.83 -24.00
C CYS A 26 -1.66 19.27 -23.48
N TYR A 27 -0.59 19.61 -22.76
CA TYR A 27 -0.42 20.95 -22.24
C TYR A 27 0.00 21.87 -23.38
N GLY A 28 0.60 21.27 -24.41
CA GLY A 28 1.05 22.03 -25.58
C GLY A 28 -0.08 22.58 -26.44
N ARG A 29 -1.23 21.93 -26.39
CA ARG A 29 -2.37 22.41 -27.16
C ARG A 29 -3.09 23.46 -26.33
N ALA A 30 -2.95 23.38 -25.02
CA ALA A 30 -3.61 24.34 -24.15
C ALA A 30 -2.79 25.61 -24.13
N ILE A 31 -1.52 25.51 -24.51
CA ILE A 31 -0.67 26.68 -24.54
C ILE A 31 -0.84 27.39 -25.86
N THR A 32 -1.06 26.65 -26.93
CA THR A 32 -1.23 27.32 -28.21
C THR A 32 -2.58 28.03 -28.20
N ARG A 33 -3.48 27.51 -27.37
CA ARG A 33 -4.83 28.06 -27.21
C ARG A 33 -4.87 29.33 -26.36
N ASN A 34 -3.92 29.45 -25.44
CA ASN A 34 -3.81 30.61 -24.56
C ASN A 34 -2.45 30.59 -23.88
N PRO A 35 -1.49 31.31 -24.46
CA PRO A 35 -0.12 31.39 -23.95
C PRO A 35 -0.01 32.04 -22.59
N LEU A 36 -0.87 33.02 -22.36
CA LEU A 36 -0.90 33.80 -21.14
C LEU A 36 -1.42 33.08 -19.89
N VAL A 37 -0.85 31.93 -19.54
CA VAL A 37 -1.27 31.22 -18.33
C VAL A 37 -0.06 30.48 -17.76
N ALA A 38 0.45 30.93 -16.62
CA ALA A 38 1.63 30.30 -16.06
C ALA A 38 1.53 28.80 -15.71
N VAL A 39 0.39 28.39 -15.16
CA VAL A 39 0.20 27.00 -14.75
C VAL A 39 0.59 26.02 -15.83
N TYR A 40 0.08 26.23 -17.06
CA TYR A 40 0.40 25.34 -18.19
C TYR A 40 1.89 25.09 -18.34
N TYR A 41 2.65 26.16 -18.52
CA TYR A 41 4.06 26.03 -18.67
C TYR A 41 4.70 25.25 -17.55
N THR A 42 4.49 25.63 -16.29
CA THR A 42 5.14 24.88 -15.20
C THR A 42 4.74 23.42 -15.19
N ASN A 43 3.50 23.15 -15.57
CA ASN A 43 3.07 21.78 -15.60
C ASN A 43 3.83 21.01 -16.64
N ARG A 44 3.87 21.56 -17.85
CA ARG A 44 4.59 20.92 -18.93
C ARG A 44 6.05 20.76 -18.57
N ALA A 45 6.57 21.72 -17.81
CA ALA A 45 7.95 21.65 -17.40
C ALA A 45 8.16 20.39 -16.56
N LEU A 46 7.19 20.02 -15.74
CA LEU A 46 7.34 18.83 -14.88
C LEU A 46 7.31 17.54 -15.69
N CYS A 47 6.64 17.58 -16.84
CA CYS A 47 6.55 16.42 -17.72
C CYS A 47 7.92 16.21 -18.33
N TYR A 48 8.48 17.28 -18.85
CA TYR A 48 9.78 17.19 -19.44
C TYR A 48 10.78 16.65 -18.46
N LEU A 49 10.77 17.13 -17.22
CA LEU A 49 11.71 16.62 -16.24
C LEU A 49 11.51 15.10 -16.05
N LYS A 50 10.27 14.67 -15.81
CA LYS A 50 10.01 13.24 -15.65
C LYS A 50 10.47 12.54 -16.93
N MET A 51 10.38 13.22 -18.06
CA MET A 51 10.80 12.62 -19.30
C MET A 51 12.30 12.78 -19.49
N GLN A 52 13.00 13.19 -18.43
CA GLN A 52 14.45 13.39 -18.47
C GLN A 52 14.91 14.21 -19.68
N GLN A 53 14.44 15.45 -19.73
CA GLN A 53 14.79 16.37 -20.81
C GLN A 53 14.74 17.82 -20.33
N PRO A 54 15.66 18.20 -19.43
CA PRO A 54 15.75 19.55 -18.87
C PRO A 54 15.88 20.61 -19.94
N GLU A 55 16.30 20.20 -21.13
CA GLU A 55 16.44 21.15 -22.23
C GLU A 55 15.16 21.93 -22.43
N GLN A 56 14.06 21.18 -22.53
CA GLN A 56 12.74 21.76 -22.75
C GLN A 56 12.18 22.43 -21.52
N ALA A 57 12.22 21.71 -20.40
CA ALA A 57 11.70 22.24 -19.14
C ALA A 57 12.32 23.60 -18.80
N LEU A 58 13.62 23.73 -19.03
CA LEU A 58 14.34 24.96 -18.76
C LEU A 58 13.72 26.12 -19.53
N ALA A 59 13.38 25.87 -20.78
CA ALA A 59 12.77 26.87 -21.65
C ALA A 59 11.34 27.22 -21.18
N ASP A 60 10.53 26.21 -20.93
CA ASP A 60 9.14 26.37 -20.47
C ASP A 60 9.00 27.10 -19.14
N CYS A 61 10.05 27.05 -18.32
CA CYS A 61 10.06 27.71 -17.02
C CYS A 61 10.43 29.15 -17.27
N ARG A 62 11.28 29.32 -18.27
CA ARG A 62 11.74 30.63 -18.67
C ARG A 62 10.63 31.34 -19.41
N ARG A 63 9.39 30.93 -19.17
CA ARG A 63 8.24 31.56 -19.81
C ARG A 63 7.13 31.71 -18.78
N ALA A 64 7.07 30.74 -17.89
CA ALA A 64 6.08 30.75 -16.83
C ALA A 64 6.45 31.93 -15.95
N LEU A 65 7.74 32.17 -15.81
CA LEU A 65 8.21 33.26 -14.98
C LEU A 65 7.99 34.61 -15.63
N GLU A 66 7.90 34.64 -16.96
CA GLU A 66 7.67 35.91 -17.66
C GLU A 66 6.24 36.36 -17.38
N LEU A 67 5.38 35.42 -16.96
CA LEU A 67 3.99 35.76 -16.66
C LEU A 67 3.73 35.72 -15.16
N ASP A 68 4.76 35.39 -14.38
CA ASP A 68 4.69 35.34 -12.92
C ASP A 68 6.08 35.06 -12.38
N GLY A 69 6.75 36.16 -12.04
CA GLY A 69 8.10 36.09 -11.51
C GLY A 69 8.05 35.76 -10.04
N GLN A 70 6.85 35.54 -9.52
CA GLN A 70 6.75 35.18 -8.12
C GLN A 70 6.39 33.70 -7.98
N SER A 71 6.34 33.00 -9.11
CA SER A 71 6.02 31.56 -9.12
C SER A 71 7.02 30.69 -8.36
N VAL A 72 6.52 30.10 -7.28
CA VAL A 72 7.30 29.22 -6.42
C VAL A 72 7.69 27.96 -7.17
N LYS A 73 6.69 27.39 -7.84
CA LYS A 73 6.92 26.18 -8.60
C LYS A 73 7.88 26.47 -9.73
N ALA A 74 7.62 27.51 -10.53
CA ALA A 74 8.51 27.86 -11.64
C ALA A 74 9.97 27.90 -11.17
N HIS A 75 10.22 28.63 -10.08
CA HIS A 75 11.58 28.73 -9.50
C HIS A 75 12.12 27.41 -9.04
N PHE A 76 11.28 26.63 -8.38
CA PHE A 76 11.73 25.35 -7.90
C PHE A 76 12.17 24.44 -9.01
N PHE A 77 11.34 24.35 -10.05
CA PHE A 77 11.60 23.51 -11.22
C PHE A 77 12.73 24.04 -12.04
N LEU A 78 12.79 25.36 -12.19
CA LEU A 78 13.87 25.94 -12.95
C LEU A 78 15.19 25.47 -12.31
N GLY A 79 15.29 25.65 -11.00
CA GLY A 79 16.49 25.24 -10.29
C GLY A 79 16.75 23.76 -10.52
N GLN A 80 15.70 22.97 -10.42
CA GLN A 80 15.83 21.55 -10.63
C GLN A 80 16.63 21.29 -11.91
N CYS A 81 16.13 21.80 -13.03
CA CYS A 81 16.77 21.64 -14.35
C CYS A 81 18.24 21.96 -14.36
N GLN A 82 18.56 23.14 -13.85
CA GLN A 82 19.93 23.60 -13.78
C GLN A 82 20.80 22.51 -13.15
N LEU A 83 20.23 21.73 -12.23
CA LEU A 83 20.98 20.65 -11.60
C LEU A 83 21.46 19.72 -12.69
N GLU A 84 20.55 19.23 -13.52
CA GLU A 84 20.92 18.33 -14.61
C GLU A 84 21.99 18.94 -15.51
N MET A 85 21.80 20.20 -15.87
CA MET A 85 22.73 20.92 -16.72
C MET A 85 24.05 21.12 -15.99
N GLU A 86 24.05 20.78 -14.71
CA GLU A 86 25.23 20.90 -13.86
C GLU A 86 25.65 22.34 -13.60
N SER A 87 24.67 23.21 -13.36
CA SER A 87 24.96 24.61 -13.07
C SER A 87 24.68 24.80 -11.59
N TYR A 88 25.27 23.88 -10.81
CA TYR A 88 25.14 23.82 -9.37
C TYR A 88 24.95 25.15 -8.66
N ASP A 89 25.70 26.17 -9.05
CA ASP A 89 25.56 27.46 -8.39
C ASP A 89 24.18 28.07 -8.56
N GLU A 90 23.75 28.25 -9.81
CA GLU A 90 22.44 28.83 -10.09
C GLU A 90 21.32 27.97 -9.50
N ALA A 91 21.40 26.68 -9.75
CA ALA A 91 20.42 25.74 -9.27
C ALA A 91 20.08 25.96 -7.80
N ILE A 92 21.09 25.91 -6.95
CA ILE A 92 20.90 26.08 -5.50
C ILE A 92 20.36 27.47 -5.20
N ALA A 93 20.65 28.42 -6.07
CA ALA A 93 20.19 29.79 -5.91
C ALA A 93 18.67 29.90 -6.10
N ASN A 94 18.19 29.34 -7.20
CA ASN A 94 16.77 29.37 -7.49
C ASN A 94 15.99 28.52 -6.50
N LEU A 95 16.62 27.48 -5.98
CA LEU A 95 15.94 26.64 -5.01
C LEU A 95 15.85 27.53 -3.78
N GLN A 96 16.99 28.13 -3.42
CA GLN A 96 17.09 29.02 -2.28
C GLN A 96 15.96 30.05 -2.32
N ARG A 97 15.82 30.68 -3.48
CA ARG A 97 14.82 31.70 -3.75
C ARG A 97 13.40 31.14 -3.78
N ALA A 98 13.26 29.98 -4.39
CA ALA A 98 11.96 29.33 -4.48
C ALA A 98 11.50 28.99 -3.07
N TYR A 99 12.46 28.88 -2.15
CA TYR A 99 12.19 28.54 -0.77
C TYR A 99 11.67 29.73 0.02
N SER A 100 12.28 30.88 -0.24
CA SER A 100 11.90 32.09 0.45
C SER A 100 10.51 32.50 0.04
N LEU A 101 10.25 32.46 -1.27
CA LEU A 101 8.94 32.80 -1.80
C LEU A 101 7.89 31.92 -1.11
N ALA A 102 8.10 30.62 -1.18
CA ALA A 102 7.19 29.67 -0.57
C ALA A 102 6.91 30.03 0.89
N LYS A 103 7.96 30.36 1.63
CA LYS A 103 7.78 30.74 3.01
C LYS A 103 6.96 32.03 3.07
N GLU A 104 7.36 33.00 2.26
CA GLU A 104 6.69 34.29 2.17
C GLU A 104 5.20 34.20 1.86
N GLN A 105 4.88 33.42 0.82
CA GLN A 105 3.50 33.22 0.38
C GLN A 105 2.71 32.31 1.30
N ARG A 106 3.34 31.95 2.41
CA ARG A 106 2.72 31.11 3.39
C ARG A 106 2.25 29.76 2.81
N LEU A 107 3.03 29.24 1.85
CA LEU A 107 2.71 27.95 1.23
C LEU A 107 3.40 26.88 2.03
N ASN A 108 2.95 25.64 1.86
CA ASN A 108 3.54 24.54 2.58
C ASN A 108 3.82 23.31 1.76
N PHE A 109 5.08 22.86 1.75
CA PHE A 109 5.46 21.65 1.02
C PHE A 109 6.21 20.77 2.00
N GLY A 110 7.12 21.39 2.75
CA GLY A 110 7.89 20.66 3.74
C GLY A 110 8.84 19.67 3.11
N ASP A 111 10.10 19.72 3.54
CA ASP A 111 11.15 18.83 3.04
C ASP A 111 11.36 18.99 1.56
N ASP A 112 10.28 18.85 0.81
CA ASP A 112 10.35 18.95 -0.63
C ASP A 112 11.38 19.99 -1.10
N ILE A 113 11.48 21.12 -0.42
CA ILE A 113 12.43 22.15 -0.83
C ILE A 113 13.79 22.08 -0.12
N PRO A 114 13.80 22.13 1.23
CA PRO A 114 15.08 22.07 1.92
C PRO A 114 15.81 20.76 1.58
N SER A 115 15.03 19.73 1.29
CA SER A 115 15.60 18.45 0.93
C SER A 115 16.34 18.56 -0.38
N ALA A 116 15.62 18.88 -1.44
CA ALA A 116 16.23 18.99 -2.77
C ALA A 116 17.29 20.06 -2.74
N LEU A 117 17.11 20.99 -1.83
CA LEU A 117 18.08 22.08 -1.68
C LEU A 117 19.34 21.45 -1.11
N ARG A 118 19.18 20.71 -0.02
CA ARG A 118 20.31 20.07 0.62
C ARG A 118 20.93 19.06 -0.31
N ILE A 119 20.11 18.48 -1.18
CA ILE A 119 20.62 17.50 -2.13
C ILE A 119 21.47 18.16 -3.20
N ALA A 120 20.99 19.31 -3.67
CA ALA A 120 21.71 20.07 -4.70
C ALA A 120 23.01 20.61 -4.12
N LYS A 121 23.03 20.86 -2.81
CA LYS A 121 24.24 21.35 -2.18
C LYS A 121 25.27 20.24 -2.11
N LYS A 122 24.78 19.03 -1.90
CA LYS A 122 25.66 17.87 -1.78
C LYS A 122 26.23 17.46 -3.14
N LYS A 123 25.37 17.43 -4.16
CA LYS A 123 25.78 17.06 -5.50
C LYS A 123 26.74 18.10 -6.08
N ARG A 124 26.66 19.32 -5.58
CA ARG A 124 27.53 20.38 -6.04
C ARG A 124 28.90 20.11 -5.47
N TRP A 125 28.96 20.06 -4.14
CA TRP A 125 30.22 19.80 -3.43
C TRP A 125 30.92 18.59 -4.01
N ASN A 126 30.15 17.56 -4.33
CA ASN A 126 30.71 16.35 -4.91
C ASN A 126 31.53 16.70 -6.11
N SER A 127 31.13 17.74 -6.81
CA SER A 127 31.85 18.13 -8.00
C SER A 127 33.22 18.65 -7.67
N ILE A 128 33.30 19.84 -7.12
CA ILE A 128 34.60 20.42 -6.81
C ILE A 128 35.43 19.57 -5.86
N GLU A 129 34.82 18.56 -5.28
CA GLU A 129 35.56 17.69 -4.38
C GLU A 129 36.40 16.72 -5.21
N GLU A 130 35.79 16.13 -6.22
CA GLU A 130 36.50 15.19 -7.07
C GLU A 130 37.34 15.99 -8.04
N ARG A 131 37.32 17.30 -7.84
CA ARG A 131 38.07 18.19 -8.70
C ARG A 131 39.39 18.55 -8.04
N ARG A 132 39.52 18.27 -6.74
CA ARG A 132 40.75 18.59 -6.03
C ARG A 132 41.91 17.74 -6.50
N ILE A 133 43.12 18.18 -6.20
CA ILE A 133 44.32 17.47 -6.62
C ILE A 133 44.91 16.61 -5.52
N HIS A 134 44.79 17.08 -4.27
CA HIS A 134 45.30 16.39 -3.09
C HIS A 134 46.84 16.44 -3.02
N GLN A 135 47.49 16.49 -4.20
CA GLN A 135 48.95 16.50 -4.29
C GLN A 135 49.48 15.19 -3.72
N GLU A 136 49.98 14.32 -4.58
CA GLU A 136 50.49 13.02 -4.13
C GLU A 136 51.38 13.07 -2.88
N SER A 137 52.69 13.09 -3.10
CA SER A 137 53.66 13.13 -2.00
C SER A 137 55.02 12.78 -2.50
N GLU A 138 56.01 13.13 -1.69
CA GLU A 138 57.41 12.87 -1.98
C GLU A 138 57.68 11.37 -2.05
N LEU A 139 57.43 10.69 -0.93
CA LEU A 139 57.63 9.25 -0.81
C LEU A 139 56.61 8.49 -1.65
N HIS A 140 55.43 9.08 -1.80
CA HIS A 140 54.38 8.45 -2.55
C HIS A 140 54.77 8.32 -4.01
N SER A 141 54.81 9.44 -4.70
CA SER A 141 55.19 9.46 -6.10
C SER A 141 56.30 8.43 -6.39
N TYR A 142 57.17 8.23 -5.40
CA TYR A 142 58.28 7.28 -5.52
C TYR A 142 57.84 5.83 -5.49
N LEU A 143 57.42 5.38 -4.31
CA LEU A 143 56.95 4.02 -4.11
C LEU A 143 55.82 3.70 -5.08
N THR A 144 55.03 4.71 -5.42
CA THR A 144 53.93 4.48 -6.33
C THR A 144 54.43 3.84 -7.61
N ARG A 145 55.54 4.34 -8.15
CA ARG A 145 56.06 3.78 -9.38
C ARG A 145 56.92 2.54 -9.11
N LEU A 146 57.57 2.47 -7.95
CA LEU A 146 58.38 1.30 -7.61
C LEU A 146 57.58 0.02 -7.78
N ILE A 147 56.29 0.10 -7.50
CA ILE A 147 55.41 -1.05 -7.61
C ILE A 147 55.09 -1.29 -9.09
N ALA A 148 54.63 -0.25 -9.78
CA ALA A 148 54.30 -0.34 -11.20
C ALA A 148 55.48 -0.94 -11.95
N ALA A 149 56.68 -0.69 -11.42
CA ALA A 149 57.93 -1.18 -12.02
C ALA A 149 58.07 -2.68 -11.83
N GLU A 150 57.95 -3.12 -10.58
CA GLU A 150 58.06 -4.53 -10.23
C GLU A 150 57.01 -5.32 -11.00
N ARG A 151 55.92 -4.64 -11.37
CA ARG A 151 54.85 -5.26 -12.13
C ARG A 151 55.27 -5.55 -13.57
N GLU A 152 55.97 -4.61 -14.22
CA GLU A 152 56.41 -4.83 -15.59
C GLU A 152 57.40 -5.99 -15.66
N ARG A 153 58.32 -6.04 -14.68
CA ARG A 153 59.35 -7.08 -14.61
C ARG A 153 58.75 -8.48 -14.53
N GLU A 154 57.43 -8.54 -14.39
CA GLU A 154 56.71 -9.81 -14.30
C GLU A 154 55.80 -9.96 -15.51
N LEU A 155 54.79 -9.11 -15.61
CA LEU A 155 53.85 -9.16 -16.73
C LEU A 155 54.53 -9.03 -18.08
N GLU A 156 55.56 -8.19 -18.16
CA GLU A 156 56.27 -7.98 -19.42
C GLU A 156 57.70 -8.52 -19.40
N GLU A 157 58.04 -9.26 -18.35
CA GLU A 157 59.36 -9.85 -18.22
C GLU A 157 59.35 -11.12 -17.36
N CYS A 158 58.36 -11.96 -17.58
CA CYS A 158 58.25 -13.20 -16.85
C CYS A 158 56.96 -13.91 -17.24
N GLN A 159 56.21 -13.24 -18.13
CA GLN A 159 54.94 -13.75 -18.64
C GLN A 159 55.19 -14.51 -19.94
N ARG A 160 56.02 -13.93 -20.81
CA ARG A 160 56.34 -14.57 -22.07
C ARG A 160 57.47 -15.60 -21.83
N ASN A 161 57.79 -15.82 -20.55
CA ASN A 161 58.84 -16.76 -20.12
C ASN A 161 58.55 -18.17 -20.63
N HIS A 162 57.27 -18.50 -20.79
CA HIS A 162 56.81 -19.80 -21.27
C HIS A 162 55.62 -19.62 -22.21
N GLU A 163 55.87 -19.17 -23.44
CA GLU A 163 54.80 -18.97 -24.43
C GLU A 163 54.13 -20.30 -24.80
N GLY A 164 54.86 -21.39 -24.61
CA GLY A 164 54.36 -22.71 -24.91
C GLY A 164 53.69 -23.34 -23.71
N HIS A 165 54.44 -23.47 -22.61
CA HIS A 165 53.93 -24.07 -21.36
C HIS A 165 52.70 -23.33 -20.78
N GLU A 166 52.48 -22.10 -21.25
CA GLU A 166 51.37 -21.26 -20.81
C GLU A 166 50.85 -20.40 -21.98
N ASP A 167 49.91 -20.94 -22.75
CA ASP A 167 49.33 -20.23 -23.90
C ASP A 167 48.46 -19.06 -23.43
N ASP A 168 47.56 -18.59 -24.31
CA ASP A 168 46.65 -17.49 -23.99
C ASP A 168 45.85 -17.74 -22.71
N GLY A 169 45.01 -18.77 -22.73
CA GLY A 169 44.17 -19.10 -21.59
C GLY A 169 44.85 -19.12 -20.22
N HIS A 170 46.01 -19.75 -20.15
CA HIS A 170 46.76 -19.88 -18.90
C HIS A 170 47.23 -18.56 -18.29
N ILE A 171 48.24 -17.96 -18.89
CA ILE A 171 48.76 -16.69 -18.38
C ILE A 171 47.78 -15.52 -18.53
N ARG A 172 46.59 -15.79 -19.06
CA ARG A 172 45.60 -14.72 -19.17
C ARG A 172 45.01 -14.54 -17.78
N ALA A 173 45.12 -15.61 -16.98
CA ALA A 173 44.64 -15.63 -15.59
C ALA A 173 45.84 -15.47 -14.66
N GLN A 174 47.00 -15.92 -15.14
CA GLN A 174 48.26 -15.81 -14.42
C GLN A 174 48.71 -14.35 -14.43
N GLN A 175 48.05 -13.58 -15.29
CA GLN A 175 48.33 -12.15 -15.47
C GLN A 175 47.63 -11.35 -14.39
N ALA A 176 46.30 -11.40 -14.41
CA ALA A 176 45.53 -10.69 -13.41
C ALA A 176 45.86 -11.30 -12.05
N CYS A 177 46.34 -12.55 -12.05
CA CYS A 177 46.70 -13.25 -10.81
C CYS A 177 47.70 -12.41 -10.01
N ILE A 178 48.79 -12.02 -10.65
CA ILE A 178 49.79 -11.21 -9.97
C ILE A 178 49.35 -9.74 -9.90
N GLU A 179 48.69 -9.27 -10.97
CA GLU A 179 48.19 -7.89 -11.00
C GLU A 179 47.40 -7.54 -9.75
N ALA A 180 46.59 -8.47 -9.28
CA ALA A 180 45.80 -8.24 -8.08
C ALA A 180 46.73 -8.25 -6.86
N LYS A 181 47.81 -9.02 -6.94
CA LYS A 181 48.78 -9.11 -5.82
C LYS A 181 49.45 -7.76 -5.60
N HIS A 182 49.61 -7.01 -6.68
CA HIS A 182 50.23 -5.70 -6.63
C HIS A 182 49.16 -4.61 -6.45
N ASP A 183 48.01 -4.78 -7.07
CA ASP A 183 46.93 -3.80 -6.93
C ASP A 183 46.47 -3.72 -5.48
N LYS A 184 46.72 -4.79 -4.74
CA LYS A 184 46.35 -4.83 -3.34
C LYS A 184 47.50 -4.33 -2.49
N TYR A 185 48.69 -4.85 -2.76
CA TYR A 185 49.88 -4.44 -2.03
C TYR A 185 49.91 -2.92 -1.97
N MET A 186 49.51 -2.31 -3.07
CA MET A 186 49.48 -0.86 -3.19
C MET A 186 48.23 -0.33 -2.49
N ALA A 187 47.16 -1.10 -2.60
CA ALA A 187 45.91 -0.73 -1.98
C ALA A 187 46.17 -0.46 -0.50
N ASP A 188 46.82 -1.40 0.19
CA ASP A 188 47.12 -1.22 1.62
C ASP A 188 47.92 0.05 1.85
N MET A 189 48.74 0.39 0.86
CA MET A 189 49.57 1.57 0.95
C MET A 189 48.71 2.84 0.97
N ASP A 190 47.89 3.01 -0.08
CA ASP A 190 47.03 4.18 -0.17
C ASP A 190 46.35 4.51 1.13
N GLU A 191 45.86 3.48 1.81
CA GLU A 191 45.19 3.67 3.08
C GLU A 191 46.17 4.19 4.12
N LEU A 192 47.45 3.96 3.86
CA LEU A 192 48.49 4.43 4.77
C LEU A 192 48.66 5.92 4.64
N PHE A 193 48.84 6.38 3.40
CA PHE A 193 49.02 7.80 3.16
C PHE A 193 47.76 8.61 3.42
N SER A 194 46.66 7.93 3.68
CA SER A 194 45.41 8.62 3.95
C SER A 194 45.17 8.71 5.45
N GLN A 195 45.49 7.64 6.17
CA GLN A 195 45.29 7.62 7.60
C GLN A 195 46.50 8.18 8.34
N VAL A 196 47.47 8.66 7.57
CA VAL A 196 48.71 9.20 8.15
C VAL A 196 48.62 10.70 8.40
N ASP A 197 47.54 11.10 9.08
CA ASP A 197 47.30 12.51 9.40
C ASP A 197 47.00 13.32 8.13
N GLU A 198 46.76 12.62 7.03
CA GLU A 198 46.47 13.30 5.77
C GLU A 198 45.00 13.67 5.59
N LYS A 199 44.79 14.87 5.06
CA LYS A 199 43.47 15.42 4.81
C LYS A 199 42.97 14.93 3.45
N ARG A 200 43.79 14.12 2.78
CA ARG A 200 43.45 13.56 1.48
C ARG A 200 42.22 12.66 1.56
N LYS A 201 41.66 12.49 2.76
CA LYS A 201 40.48 11.64 2.94
C LYS A 201 39.21 12.39 2.56
N LYS A 202 38.30 11.72 1.86
CA LYS A 202 37.03 12.33 1.42
C LYS A 202 36.43 13.20 2.51
N ARG A 203 36.12 14.45 2.15
CA ARG A 203 35.55 15.42 3.07
C ARG A 203 34.06 15.66 2.82
N ASP A 204 33.23 15.11 3.70
CA ASP A 204 31.80 15.28 3.55
C ASP A 204 31.23 15.67 4.89
N ILE A 205 30.00 16.20 4.89
CA ILE A 205 29.36 16.58 6.12
C ILE A 205 28.29 15.56 6.44
N PRO A 206 28.34 15.01 7.67
CA PRO A 206 27.38 14.02 8.13
C PRO A 206 25.96 14.54 8.03
N ASP A 207 25.00 13.68 8.36
CA ASP A 207 23.61 14.05 8.30
C ASP A 207 23.11 14.36 9.70
N TYR A 208 23.52 13.54 10.66
CA TYR A 208 23.11 13.71 12.05
C TYR A 208 23.58 15.03 12.59
N LEU A 209 24.18 15.84 11.72
CA LEU A 209 24.68 17.13 12.14
C LEU A 209 23.80 18.25 11.60
N CYS A 210 22.77 17.88 10.84
CA CYS A 210 21.86 18.84 10.24
C CYS A 210 20.49 18.80 10.91
N GLY A 211 19.71 19.86 10.75
CA GLY A 211 18.40 19.90 11.37
C GLY A 211 17.34 19.10 10.64
N LYS A 212 16.30 18.66 11.36
CA LYS A 212 15.23 17.88 10.77
C LYS A 212 14.29 18.75 9.97
N ILE A 213 14.52 20.06 10.01
CA ILE A 213 13.71 20.98 9.26
C ILE A 213 14.60 21.67 8.23
N SER A 214 15.53 22.46 8.74
CA SER A 214 16.47 23.18 7.91
C SER A 214 17.23 22.26 6.96
N PHE A 215 17.45 21.03 7.38
CA PHE A 215 18.20 20.10 6.54
C PHE A 215 19.59 20.63 6.30
N GLU A 216 20.07 21.49 7.19
CA GLU A 216 21.41 22.03 7.08
C GLU A 216 22.07 22.03 8.44
N LEU A 217 23.39 22.21 8.47
CA LEU A 217 24.16 22.23 9.72
C LEU A 217 23.51 23.14 10.79
N MET A 218 23.36 22.64 12.01
CA MET A 218 22.74 23.42 13.06
C MET A 218 23.71 24.28 13.84
N ARG A 219 23.29 25.50 14.17
CA ARG A 219 24.14 26.41 14.90
C ARG A 219 23.63 26.63 16.31
N GLU A 220 22.41 26.22 16.59
CA GLU A 220 21.81 26.37 17.92
C GLU A 220 20.92 25.19 18.22
N PRO A 221 21.46 23.97 18.10
CA PRO A 221 20.69 22.75 18.35
C PRO A 221 19.94 22.69 19.67
N CYS A 222 18.72 22.20 19.61
CA CYS A 222 17.91 22.00 20.80
C CYS A 222 16.92 20.91 20.49
N ILE A 223 16.70 20.07 21.49
CA ILE A 223 15.84 18.92 21.40
C ILE A 223 14.46 19.19 22.01
N THR A 224 13.51 18.28 21.75
CA THR A 224 12.15 18.38 22.27
C THR A 224 11.83 17.18 23.16
N PRO A 225 10.70 17.22 23.90
CA PRO A 225 10.32 16.11 24.79
C PRO A 225 10.27 14.76 24.07
N SER A 226 10.07 14.83 22.75
CA SER A 226 10.01 13.66 21.89
C SER A 226 11.42 13.09 21.80
N GLY A 227 12.36 13.95 21.43
CA GLY A 227 13.75 13.54 21.33
C GLY A 227 14.40 13.91 20.02
N ILE A 228 13.70 14.71 19.21
CA ILE A 228 14.25 15.11 17.93
C ILE A 228 15.00 16.42 18.10
N THR A 229 16.12 16.56 17.41
CA THR A 229 16.92 17.78 17.53
C THR A 229 16.87 18.66 16.27
N TYR A 230 16.27 19.84 16.42
CA TYR A 230 16.16 20.81 15.34
C TYR A 230 16.99 22.02 15.74
N ASP A 231 17.11 22.97 14.80
CA ASP A 231 17.85 24.21 15.01
C ASP A 231 16.87 25.17 15.70
N ARG A 232 17.30 25.79 16.79
CA ARG A 232 16.41 26.69 17.54
C ARG A 232 15.80 27.79 16.69
N LYS A 233 16.44 28.12 15.58
CA LYS A 233 15.95 29.18 14.71
C LYS A 233 14.85 28.73 13.77
N ASP A 234 14.82 27.44 13.42
CA ASP A 234 13.81 26.89 12.52
C ASP A 234 12.52 26.51 13.24
N ILE A 235 12.62 25.67 14.27
CA ILE A 235 11.43 25.28 15.02
C ILE A 235 10.95 26.48 15.83
N GLU A 236 11.63 27.60 15.61
CA GLU A 236 11.28 28.82 16.31
C GLU A 236 10.09 29.39 15.55
N GLU A 237 10.26 29.56 14.23
CA GLU A 237 9.20 30.10 13.40
C GLU A 237 8.08 29.08 13.22
N HIS A 238 8.44 27.83 13.02
CA HIS A 238 7.43 26.78 12.85
C HIS A 238 6.44 26.77 14.00
N LEU A 239 6.86 27.25 15.16
CA LEU A 239 5.96 27.28 16.30
C LEU A 239 5.06 28.52 16.24
N GLN A 240 5.53 29.57 15.58
CA GLN A 240 4.75 30.80 15.46
C GLN A 240 4.35 31.12 14.00
N ARG A 241 4.31 30.09 13.16
CA ARG A 241 3.91 30.24 11.75
C ARG A 241 3.23 29.01 11.18
N VAL A 242 3.05 27.97 12.00
CA VAL A 242 2.41 26.75 11.54
C VAL A 242 1.56 26.08 12.62
N GLY A 243 1.87 26.31 13.89
CA GLY A 243 1.08 25.70 14.95
C GLY A 243 1.89 25.39 16.18
N HIS A 244 1.39 24.49 17.02
CA HIS A 244 2.09 24.10 18.25
C HIS A 244 2.18 22.58 18.32
N PHE A 245 2.90 22.00 17.36
CA PHE A 245 3.07 20.56 17.29
C PHE A 245 4.46 20.18 16.74
N ASN A 246 4.98 19.04 17.19
CA ASN A 246 6.28 18.56 16.75
C ASN A 246 6.21 18.25 15.25
N PRO A 247 7.02 18.92 14.42
CA PRO A 247 7.04 18.71 12.96
C PRO A 247 7.46 17.32 12.52
N VAL A 248 7.43 16.36 13.44
CA VAL A 248 7.78 14.98 13.16
C VAL A 248 6.78 14.07 13.87
N THR A 249 6.89 13.99 15.19
CA THR A 249 6.00 13.17 15.99
C THR A 249 4.59 13.77 16.03
N ARG A 250 4.48 15.04 15.65
CA ARG A 250 3.19 15.70 15.65
C ARG A 250 2.59 15.76 17.04
N SER A 251 3.44 15.81 18.06
CA SER A 251 2.97 15.90 19.44
C SER A 251 2.68 17.33 19.86
N PRO A 252 1.84 17.50 20.89
CA PRO A 252 1.50 18.84 21.36
C PRO A 252 2.69 19.56 22.01
N LEU A 253 3.52 20.20 21.19
CA LEU A 253 4.70 20.90 21.66
C LEU A 253 4.51 22.42 21.78
N THR A 254 5.27 23.07 22.66
CA THR A 254 5.19 24.51 22.86
C THR A 254 6.57 25.08 23.06
N GLN A 255 6.81 26.27 22.52
CA GLN A 255 8.13 26.89 22.63
C GLN A 255 8.85 26.79 23.98
N GLU A 256 8.16 27.14 25.07
CA GLU A 256 8.79 27.06 26.39
C GLU A 256 8.92 25.61 26.86
N GLN A 257 9.26 24.72 25.94
CA GLN A 257 9.41 23.32 26.26
C GLN A 257 10.66 22.74 25.60
N LEU A 258 11.30 23.58 24.79
CA LEU A 258 12.51 23.24 24.08
C LEU A 258 13.71 23.24 25.03
N ILE A 259 14.51 22.17 24.96
CA ILE A 259 15.71 22.01 25.79
C ILE A 259 16.92 22.18 24.87
N PRO A 260 17.92 22.99 25.27
CA PRO A 260 19.12 23.23 24.48
C PRO A 260 20.03 22.01 24.49
N ASN A 261 20.26 21.44 23.32
CA ASN A 261 21.09 20.26 23.22
C ASN A 261 22.58 20.62 23.27
N LEU A 262 23.04 20.99 24.46
CA LEU A 262 24.42 21.38 24.67
C LEU A 262 25.41 20.37 24.11
N ALA A 263 25.26 19.10 24.46
CA ALA A 263 26.20 18.11 23.95
C ALA A 263 26.28 18.18 22.44
N MET A 264 25.21 18.59 21.76
CA MET A 264 25.26 18.66 20.31
C MET A 264 26.11 19.82 19.84
N LYS A 265 25.82 21.01 20.36
CA LYS A 265 26.59 22.19 20.00
C LYS A 265 28.06 21.75 20.00
N GLU A 266 28.48 21.13 21.10
CA GLU A 266 29.84 20.62 21.22
C GLU A 266 30.27 19.88 19.97
N VAL A 267 29.57 18.79 19.67
CA VAL A 267 29.88 18.02 18.52
C VAL A 267 29.91 18.86 17.27
N ILE A 268 28.94 19.74 17.10
CA ILE A 268 28.95 20.56 15.91
C ILE A 268 30.14 21.51 15.87
N ASP A 269 30.42 22.16 16.99
CA ASP A 269 31.56 23.08 17.06
C ASP A 269 32.83 22.37 16.64
N ALA A 270 33.14 21.30 17.37
CA ALA A 270 34.32 20.49 17.14
C ALA A 270 34.45 20.14 15.68
N PHE A 271 33.32 19.85 15.04
CA PHE A 271 33.36 19.50 13.63
C PHE A 271 33.95 20.63 12.83
N ILE A 272 33.28 21.78 12.90
CA ILE A 272 33.71 22.97 12.21
C ILE A 272 35.17 23.26 12.50
N SER A 273 35.51 23.39 13.77
CA SER A 273 36.88 23.67 14.17
C SER A 273 37.91 22.75 13.57
N GLU A 274 37.47 21.68 12.94
CA GLU A 274 38.38 20.73 12.35
C GLU A 274 38.32 20.75 10.83
N ASN A 275 37.15 21.11 10.31
CA ASN A 275 36.94 21.14 8.88
C ASN A 275 37.04 22.49 8.22
N GLY A 276 38.15 22.65 7.51
CA GLY A 276 38.45 23.88 6.78
C GLY A 276 37.34 24.28 5.83
N TRP A 277 36.87 23.35 5.01
CA TRP A 277 35.81 23.66 4.08
C TRP A 277 34.61 24.16 4.86
N VAL A 278 33.42 23.78 4.42
CA VAL A 278 32.18 24.23 5.06
C VAL A 278 32.17 25.74 4.82
N GLU A 279 31.00 26.36 4.92
CA GLU A 279 30.89 27.79 4.65
C GLU A 279 31.09 27.91 3.13
N ASP A 280 31.85 26.96 2.57
CA ASP A 280 32.13 26.89 1.14
C ASP A 280 31.23 25.83 0.58
N TYR A 281 30.74 25.01 1.50
CA TYR A 281 29.85 23.93 1.17
C TYR A 281 28.53 24.54 0.74
N SER B 1 8.61 -46.41 23.35
CA SER B 1 7.99 -46.77 24.65
C SER B 1 7.79 -45.52 25.54
N PRO B 2 8.85 -44.68 25.71
CA PRO B 2 8.80 -43.45 26.52
C PRO B 2 8.30 -42.22 25.72
N SER B 3 7.51 -41.37 26.36
CA SER B 3 6.96 -40.18 25.69
C SER B 3 8.05 -39.15 25.36
N ALA B 4 7.89 -38.43 24.25
CA ALA B 4 8.88 -37.43 23.89
C ALA B 4 8.96 -36.42 25.04
N GLN B 5 7.79 -36.00 25.53
CA GLN B 5 7.72 -35.03 26.63
C GLN B 5 8.39 -35.55 27.88
N GLU B 6 8.75 -36.82 27.86
CA GLU B 6 9.43 -37.43 28.99
C GLU B 6 10.90 -37.52 28.60
N LEU B 7 11.21 -38.03 27.42
CA LEU B 7 12.60 -38.13 26.96
C LEU B 7 13.35 -36.79 27.15
N LYS B 8 12.62 -35.76 27.53
CA LYS B 8 13.21 -34.46 27.75
C LYS B 8 13.78 -34.43 29.16
N GLU B 9 13.10 -35.04 30.12
CA GLU B 9 13.61 -35.07 31.49
C GLU B 9 14.86 -35.94 31.54
N GLN B 10 14.85 -37.02 30.77
CA GLN B 10 15.99 -37.94 30.73
C GLN B 10 17.19 -37.22 30.10
N GLY B 11 16.91 -36.16 29.35
CA GLY B 11 17.94 -35.37 28.70
C GLY B 11 18.55 -34.39 29.69
N ASN B 12 17.71 -33.95 30.61
CA ASN B 12 18.11 -33.03 31.66
C ASN B 12 19.09 -33.77 32.58
N ARG B 13 18.82 -35.05 32.80
CA ARG B 13 19.66 -35.89 33.63
C ARG B 13 21.06 -35.85 33.05
N LEU B 14 21.27 -36.52 31.92
CA LEU B 14 22.59 -36.54 31.27
C LEU B 14 23.25 -35.17 31.21
N PHE B 15 22.47 -34.19 30.77
CA PHE B 15 22.94 -32.81 30.67
C PHE B 15 23.64 -32.41 31.97
N VAL B 16 22.85 -31.93 32.93
CA VAL B 16 23.38 -31.51 34.23
C VAL B 16 24.47 -32.48 34.70
N GLY B 17 24.34 -33.73 34.27
CA GLY B 17 25.28 -34.77 34.63
C GLY B 17 26.52 -34.83 33.77
N ARG B 18 26.85 -33.76 33.06
CA ARG B 18 28.05 -33.71 32.20
C ARG B 18 28.16 -34.80 31.13
N LYS B 19 27.06 -35.50 30.85
CA LYS B 19 27.09 -36.56 29.83
C LYS B 19 26.39 -36.00 28.60
N TYR B 20 26.89 -34.85 28.16
CA TYR B 20 26.37 -34.15 27.01
C TYR B 20 26.38 -35.00 25.74
N PRO B 21 27.42 -35.82 25.57
CA PRO B 21 27.51 -36.68 24.37
C PRO B 21 26.33 -37.66 24.21
N GLU B 22 25.65 -37.95 25.32
CA GLU B 22 24.50 -38.85 25.38
C GLU B 22 23.16 -38.07 25.49
N ALA B 23 23.11 -37.02 26.33
CA ALA B 23 21.88 -36.24 26.46
C ALA B 23 21.51 -35.71 25.07
N ALA B 24 22.50 -35.63 24.18
CA ALA B 24 22.31 -35.15 22.81
C ALA B 24 21.64 -36.22 21.96
N ALA B 25 21.81 -37.48 22.36
CA ALA B 25 21.18 -38.62 21.69
C ALA B 25 19.85 -38.91 22.41
N CYS B 26 19.76 -38.46 23.66
CA CYS B 26 18.56 -38.59 24.50
C CYS B 26 17.53 -37.58 23.99
N TYR B 27 17.97 -36.34 23.79
CA TYR B 27 17.13 -35.29 23.25
C TYR B 27 16.87 -35.65 21.79
N GLY B 28 17.92 -36.11 21.10
CA GLY B 28 17.78 -36.49 19.71
C GLY B 28 16.64 -37.47 19.54
N ARG B 29 16.44 -38.28 20.55
CA ARG B 29 15.38 -39.28 20.57
C ARG B 29 14.05 -38.55 20.61
N ALA B 30 13.84 -37.70 21.62
CA ALA B 30 12.59 -36.95 21.75
C ALA B 30 12.25 -36.17 20.48
N ILE B 31 13.26 -35.88 19.66
CA ILE B 31 13.05 -35.13 18.42
C ILE B 31 12.49 -36.02 17.31
N THR B 32 12.94 -37.27 17.27
CA THR B 32 12.49 -38.25 16.26
C THR B 32 11.03 -38.56 16.59
N ARG B 33 10.78 -38.74 17.87
CA ARG B 33 9.45 -39.04 18.38
C ARG B 33 8.46 -37.91 18.00
N ASN B 34 8.94 -36.68 17.97
CA ASN B 34 8.08 -35.55 17.64
C ASN B 34 8.88 -34.28 17.30
N PRO B 35 9.20 -34.08 16.02
CA PRO B 35 9.97 -32.93 15.56
C PRO B 35 9.34 -31.54 15.74
N LEU B 36 8.03 -31.47 15.96
CA LEU B 36 7.37 -30.18 16.08
C LEU B 36 7.62 -29.33 17.32
N VAL B 37 8.24 -29.87 18.35
CA VAL B 37 8.50 -29.05 19.52
C VAL B 37 9.83 -28.35 19.33
N ALA B 38 9.86 -27.02 19.46
CA ALA B 38 11.12 -26.30 19.29
C ALA B 38 12.02 -26.51 20.48
N VAL B 39 11.48 -26.42 21.68
CA VAL B 39 12.28 -26.60 22.86
C VAL B 39 13.35 -27.64 22.73
N TYR B 40 13.03 -28.82 22.22
CA TYR B 40 14.03 -29.89 22.10
C TYR B 40 15.26 -29.38 21.36
N TYR B 41 15.07 -28.93 20.11
CA TYR B 41 16.18 -28.42 19.30
C TYR B 41 17.14 -27.53 20.05
N THR B 42 16.65 -26.46 20.68
CA THR B 42 17.58 -25.59 21.40
C THR B 42 18.34 -26.37 22.49
N ASN B 43 17.66 -27.28 23.18
CA ASN B 43 18.31 -28.04 24.22
C ASN B 43 19.44 -28.85 23.71
N ARG B 44 19.17 -29.65 22.71
CA ARG B 44 20.23 -30.46 22.15
C ARG B 44 21.34 -29.51 21.75
N ALA B 45 20.96 -28.43 21.05
CA ALA B 45 21.90 -27.42 20.60
C ALA B 45 22.77 -26.88 21.75
N LEU B 46 22.15 -26.59 22.89
CA LEU B 46 22.86 -26.08 24.07
C LEU B 46 23.87 -27.07 24.58
N CYS B 47 23.62 -28.35 24.33
CA CYS B 47 24.54 -29.37 24.76
C CYS B 47 25.66 -29.37 23.77
N TYR B 48 25.34 -29.42 22.49
CA TYR B 48 26.37 -29.36 21.48
C TYR B 48 27.41 -28.26 21.78
N LEU B 49 26.95 -27.15 22.37
CA LEU B 49 27.84 -26.03 22.72
C LEU B 49 28.83 -26.33 23.84
N LYS B 50 28.56 -27.37 24.63
CA LYS B 50 29.50 -27.74 25.65
C LYS B 50 30.40 -28.80 25.06
N MET B 51 30.96 -28.49 23.91
CA MET B 51 31.86 -29.42 23.31
C MET B 51 32.54 -28.86 22.07
N GLN B 52 31.89 -28.98 20.94
CA GLN B 52 32.45 -28.53 19.68
C GLN B 52 31.38 -28.89 18.67
N GLN B 53 30.37 -28.02 18.62
CA GLN B 53 29.20 -28.18 17.76
C GLN B 53 29.15 -27.49 16.39
N PRO B 54 30.22 -26.80 15.97
CA PRO B 54 30.24 -26.10 14.69
C PRO B 54 28.97 -26.15 13.85
N GLU B 55 29.06 -26.79 12.69
CA GLU B 55 27.96 -26.92 11.72
C GLU B 55 26.68 -27.52 12.31
N GLN B 56 26.84 -28.36 13.33
CA GLN B 56 25.72 -29.03 14.01
C GLN B 56 24.78 -28.11 14.79
N ALA B 57 25.20 -27.68 15.99
CA ALA B 57 24.35 -26.80 16.80
C ALA B 57 23.66 -25.74 15.91
N LEU B 58 24.33 -25.27 14.85
CA LEU B 58 23.74 -24.27 13.95
C LEU B 58 22.48 -24.80 13.25
N ALA B 59 22.50 -26.06 12.81
CA ALA B 59 21.32 -26.61 12.15
C ALA B 59 20.20 -26.83 13.18
N ASP B 60 20.58 -27.06 14.43
CA ASP B 60 19.64 -27.27 15.53
C ASP B 60 18.90 -25.96 15.79
N CYS B 61 19.65 -24.86 15.85
CA CYS B 61 19.05 -23.57 16.07
C CYS B 61 18.22 -23.18 14.88
N ARG B 62 18.70 -23.44 13.66
CA ARG B 62 17.93 -23.10 12.48
C ARG B 62 16.59 -23.81 12.44
N ARG B 63 16.54 -25.01 13.02
CA ARG B 63 15.32 -25.81 13.07
C ARG B 63 14.35 -25.23 14.09
N ALA B 64 14.87 -24.80 15.23
CA ALA B 64 14.04 -24.22 16.28
C ALA B 64 13.43 -22.91 15.82
N LEU B 65 14.21 -22.12 15.09
CA LEU B 65 13.71 -20.84 14.61
C LEU B 65 12.58 -21.02 13.62
N GLU B 66 12.57 -22.14 12.89
CA GLU B 66 11.52 -22.42 11.91
C GLU B 66 10.19 -22.74 12.59
N LEU B 67 10.26 -23.22 13.84
CA LEU B 67 9.08 -23.57 14.64
C LEU B 67 8.62 -22.41 15.52
N ASP B 68 9.52 -21.48 15.80
CA ASP B 68 9.16 -20.30 16.56
C ASP B 68 9.48 -19.06 15.74
N GLY B 69 10.72 -18.60 15.76
CA GLY B 69 11.06 -17.44 14.98
C GLY B 69 11.17 -16.20 15.83
N GLN B 70 10.82 -16.33 17.10
CA GLN B 70 10.94 -15.22 18.02
C GLN B 70 11.58 -15.79 19.27
N SER B 71 12.28 -16.93 19.09
CA SER B 71 12.95 -17.62 20.19
C SER B 71 14.20 -16.88 20.66
N VAL B 72 14.12 -16.31 21.85
CA VAL B 72 15.25 -15.59 22.40
C VAL B 72 16.42 -16.52 22.53
N LYS B 73 16.18 -17.70 23.10
CA LYS B 73 17.24 -18.66 23.29
C LYS B 73 17.74 -19.20 21.97
N ALA B 74 16.87 -19.24 20.96
CA ALA B 74 17.33 -19.74 19.67
C ALA B 74 18.29 -18.78 19.00
N HIS B 75 18.00 -17.48 19.04
CA HIS B 75 18.91 -16.54 18.43
C HIS B 75 20.23 -16.59 19.17
N PHE B 76 20.16 -16.53 20.50
CA PHE B 76 21.34 -16.58 21.34
C PHE B 76 22.30 -17.67 20.95
N PHE B 77 21.87 -18.93 20.99
CA PHE B 77 22.78 -20.03 20.64
C PHE B 77 23.20 -19.99 19.19
N LEU B 78 22.35 -19.44 18.32
CA LEU B 78 22.71 -19.38 16.92
C LEU B 78 23.87 -18.43 16.83
N GLY B 79 23.76 -17.29 17.51
CA GLY B 79 24.83 -16.31 17.46
C GLY B 79 25.96 -16.65 18.42
N GLN B 80 25.79 -17.71 19.17
CA GLN B 80 26.82 -18.09 20.09
C GLN B 80 27.71 -19.08 19.41
N CYS B 81 27.10 -19.81 18.49
CA CYS B 81 27.84 -20.81 17.79
C CYS B 81 28.57 -20.14 16.62
N GLN B 82 28.09 -18.96 16.22
CA GLN B 82 28.73 -18.23 15.12
C GLN B 82 29.95 -17.46 15.62
N LEU B 83 29.95 -17.16 16.91
CA LEU B 83 31.06 -16.47 17.52
C LEU B 83 32.13 -17.53 17.70
N GLU B 84 31.88 -18.71 17.15
CA GLU B 84 32.81 -19.85 17.25
C GLU B 84 33.28 -20.27 15.87
N MET B 85 32.54 -19.84 14.85
CA MET B 85 32.87 -20.14 13.47
C MET B 85 33.38 -18.84 12.83
N GLU B 86 33.80 -17.89 13.66
CA GLU B 86 34.30 -16.60 13.19
C GLU B 86 33.41 -15.90 12.16
N SER B 87 32.16 -15.63 12.54
CA SER B 87 31.23 -14.92 11.67
C SER B 87 30.70 -13.77 12.51
N TYR B 88 31.63 -13.08 13.16
CA TYR B 88 31.33 -11.97 14.06
C TYR B 88 30.24 -11.05 13.60
N ASP B 89 30.10 -10.94 12.29
CA ASP B 89 29.08 -10.08 11.76
C ASP B 89 27.67 -10.54 12.11
N GLU B 90 27.26 -11.70 11.58
CA GLU B 90 25.93 -12.25 11.83
C GLU B 90 25.77 -12.66 13.27
N ALA B 91 26.89 -13.02 13.90
CA ALA B 91 26.89 -13.42 15.29
C ALA B 91 26.28 -12.33 16.15
N ILE B 92 26.97 -11.20 16.22
CA ILE B 92 26.49 -10.07 16.99
C ILE B 92 25.09 -9.73 16.52
N ALA B 93 24.84 -9.82 15.21
CA ALA B 93 23.53 -9.51 14.69
C ALA B 93 22.46 -10.29 15.44
N ASN B 94 22.73 -11.58 15.65
CA ASN B 94 21.82 -12.46 16.34
C ASN B 94 21.80 -12.17 17.83
N LEU B 95 22.96 -11.99 18.46
CA LEU B 95 22.94 -11.68 19.87
C LEU B 95 22.07 -10.47 20.13
N GLN B 96 22.15 -9.49 19.24
CA GLN B 96 21.35 -8.27 19.35
C GLN B 96 19.89 -8.66 19.24
N ARG B 97 19.55 -9.41 18.19
CA ARG B 97 18.17 -9.86 18.02
C ARG B 97 17.69 -10.55 19.30
N ALA B 98 18.54 -11.42 19.84
CA ALA B 98 18.20 -12.13 21.05
C ALA B 98 17.96 -11.15 22.19
N TYR B 99 18.51 -9.95 22.06
CA TYR B 99 18.33 -8.97 23.11
C TYR B 99 16.98 -8.28 22.95
N SER B 100 16.82 -7.52 21.87
CA SER B 100 15.56 -6.83 21.65
C SER B 100 14.32 -7.73 21.82
N LEU B 101 14.44 -9.01 21.52
CA LEU B 101 13.33 -9.96 21.69
C LEU B 101 13.04 -10.14 23.17
N ALA B 102 14.06 -10.52 23.91
CA ALA B 102 13.94 -10.75 25.33
C ALA B 102 13.37 -9.52 25.99
N LYS B 103 13.38 -8.40 25.29
CA LYS B 103 12.83 -7.20 25.87
C LYS B 103 11.32 -7.19 25.65
N GLU B 104 10.87 -7.33 24.40
CA GLU B 104 9.43 -7.37 24.12
C GLU B 104 8.81 -8.45 25.02
N GLN B 105 9.47 -9.60 25.07
CA GLN B 105 9.02 -10.72 25.87
C GLN B 105 9.23 -10.51 27.35
N ARG B 106 9.48 -9.27 27.74
CA ARG B 106 9.72 -8.91 29.14
C ARG B 106 10.40 -10.02 29.95
N LEU B 107 11.57 -10.46 29.52
CA LEU B 107 12.34 -11.51 30.20
C LEU B 107 13.49 -10.97 31.05
N ASN B 108 14.15 -11.84 31.82
CA ASN B 108 15.26 -11.44 32.69
C ASN B 108 16.56 -12.18 32.42
N PHE B 109 17.59 -11.43 32.05
CA PHE B 109 18.91 -12.00 31.76
C PHE B 109 19.98 -10.95 31.96
N GLY B 110 19.94 -10.26 33.09
CA GLY B 110 20.92 -9.24 33.35
C GLY B 110 22.30 -9.76 33.03
N ASP B 111 23.16 -8.88 32.51
CA ASP B 111 24.54 -9.22 32.16
C ASP B 111 24.73 -10.54 31.39
N ASP B 112 23.64 -11.17 30.99
CA ASP B 112 23.74 -12.43 30.25
C ASP B 112 23.95 -12.12 28.78
N ILE B 113 22.99 -11.43 28.21
CA ILE B 113 23.05 -11.08 26.81
C ILE B 113 24.06 -9.95 26.61
N PRO B 114 23.88 -8.83 27.33
CA PRO B 114 24.84 -7.75 27.13
C PRO B 114 26.28 -8.21 27.29
N SER B 115 26.50 -9.26 28.07
CA SER B 115 27.85 -9.75 28.27
C SER B 115 28.30 -10.59 27.08
N ALA B 116 27.37 -11.34 26.50
CA ALA B 116 27.70 -12.14 25.34
C ALA B 116 28.06 -11.13 24.27
N LEU B 117 27.33 -10.01 24.25
CA LEU B 117 27.60 -8.96 23.28
C LEU B 117 28.97 -8.38 23.54
N ARG B 118 29.23 -7.93 24.77
CA ARG B 118 30.53 -7.36 25.07
C ARG B 118 31.59 -8.26 24.48
N ILE B 119 31.72 -9.45 25.05
CA ILE B 119 32.70 -10.41 24.56
C ILE B 119 32.74 -10.56 23.05
N ALA B 120 31.58 -10.66 22.43
CA ALA B 120 31.51 -10.82 20.97
C ALA B 120 32.15 -9.64 20.24
N LYS B 121 32.11 -8.47 20.86
CA LYS B 121 32.69 -7.27 20.30
C LYS B 121 34.21 -7.38 20.41
N LYS B 122 34.71 -7.58 21.63
CA LYS B 122 36.14 -7.73 21.89
C LYS B 122 36.73 -8.71 20.91
N LYS B 123 35.99 -9.77 20.61
CA LYS B 123 36.49 -10.75 19.66
C LYS B 123 36.62 -10.08 18.30
N ARG B 124 35.49 -9.68 17.69
CA ARG B 124 35.50 -9.02 16.38
C ARG B 124 36.67 -8.09 16.22
N TRP B 125 36.96 -7.32 17.26
CA TRP B 125 38.06 -6.38 17.24
C TRP B 125 39.42 -7.08 17.07
N ASN B 126 39.90 -7.73 18.13
CA ASN B 126 41.17 -8.44 18.06
C ASN B 126 41.23 -9.21 16.76
N SER B 127 40.10 -9.58 16.18
CA SER B 127 40.17 -10.30 14.92
C SER B 127 40.57 -9.36 13.81
N ILE B 128 39.79 -8.30 13.64
CA ILE B 128 40.02 -7.31 12.59
C ILE B 128 41.39 -6.62 12.75
N GLU B 129 41.77 -6.43 14.02
CA GLU B 129 43.04 -5.82 14.36
C GLU B 129 44.23 -6.72 14.00
N GLU B 130 44.29 -7.94 14.55
CA GLU B 130 45.39 -8.85 14.26
C GLU B 130 45.65 -8.87 12.74
N ARG B 131 44.59 -9.05 11.95
CA ARG B 131 44.76 -9.12 10.49
C ARG B 131 45.16 -7.79 9.88
N ARG B 132 45.03 -6.72 10.66
CA ARG B 132 45.42 -5.39 10.18
C ARG B 132 46.93 -5.30 10.24
N ILE B 133 47.50 -5.70 11.37
CA ILE B 133 48.93 -5.69 11.53
C ILE B 133 49.58 -6.53 10.44
N HIS B 134 48.88 -7.57 10.02
CA HIS B 134 49.39 -8.46 8.97
C HIS B 134 49.67 -7.69 7.69
N GLN B 135 48.65 -7.05 7.13
CA GLN B 135 48.79 -6.28 5.90
C GLN B 135 49.94 -5.31 6.04
N GLU B 136 49.99 -4.62 7.17
CA GLU B 136 51.04 -3.66 7.43
C GLU B 136 52.43 -4.27 7.29
N SER B 137 52.76 -5.24 8.15
CA SER B 137 54.09 -5.87 8.10
C SER B 137 54.35 -6.61 6.79
N GLU B 138 53.27 -7.11 6.19
CA GLU B 138 53.35 -7.81 4.93
C GLU B 138 53.81 -6.86 3.83
N LEU B 139 53.33 -5.62 3.92
CA LEU B 139 53.66 -4.55 2.99
C LEU B 139 55.03 -3.99 3.29
N HIS B 140 55.21 -3.56 4.53
CA HIS B 140 56.45 -2.98 4.98
C HIS B 140 57.64 -3.78 4.50
N SER B 141 57.58 -5.09 4.69
CA SER B 141 58.69 -5.94 4.26
C SER B 141 58.75 -6.01 2.74
N TYR B 142 57.61 -6.18 2.08
CA TYR B 142 57.59 -6.23 0.62
C TYR B 142 58.12 -4.96 0.01
N LEU B 143 57.89 -3.85 0.69
CA LEU B 143 58.34 -2.55 0.20
C LEU B 143 59.81 -2.38 0.50
N THR B 144 60.15 -2.43 1.78
CA THR B 144 61.54 -2.30 2.21
C THR B 144 62.47 -3.10 1.29
N ARG B 145 61.98 -4.22 0.77
CA ARG B 145 62.80 -5.03 -0.13
C ARG B 145 62.81 -4.47 -1.53
N LEU B 146 61.70 -3.87 -1.97
CA LEU B 146 61.65 -3.31 -3.32
C LEU B 146 62.66 -2.17 -3.47
N ILE B 147 62.80 -1.38 -2.40
CA ILE B 147 63.74 -0.28 -2.37
C ILE B 147 65.17 -0.80 -2.50
N ALA B 148 65.64 -1.49 -1.47
CA ALA B 148 66.98 -2.05 -1.46
C ALA B 148 67.26 -2.95 -2.68
N ALA B 149 66.20 -3.41 -3.34
CA ALA B 149 66.34 -4.28 -4.51
C ALA B 149 66.43 -3.48 -5.80
N GLU B 150 65.45 -2.61 -6.04
CA GLU B 150 65.45 -1.80 -7.26
C GLU B 150 66.43 -0.63 -7.12
N ARG B 151 67.27 -0.71 -6.07
CA ARG B 151 68.29 0.29 -5.79
C ARG B 151 69.54 -0.07 -6.60
N GLU B 152 70.01 -1.31 -6.45
CA GLU B 152 71.19 -1.76 -7.18
C GLU B 152 70.87 -1.82 -8.64
N ARG B 153 69.58 -2.04 -8.95
CA ARG B 153 69.14 -2.11 -10.34
C ARG B 153 69.39 -0.77 -11.06
N GLU B 154 69.91 0.21 -10.33
CA GLU B 154 70.21 1.54 -10.85
C GLU B 154 71.60 1.95 -10.41
N LEU B 155 72.11 1.26 -9.38
CA LEU B 155 73.43 1.54 -8.85
C LEU B 155 74.47 0.96 -9.80
N GLU B 156 74.78 -0.32 -9.61
CA GLU B 156 75.74 -1.02 -10.45
C GLU B 156 75.29 -0.99 -11.92
N GLU B 157 74.10 -0.46 -12.15
CA GLU B 157 73.57 -0.38 -13.49
C GLU B 157 74.35 0.67 -14.28
N CYS B 158 73.81 1.89 -14.29
CA CYS B 158 74.42 3.00 -15.02
C CYS B 158 75.85 3.23 -14.54
N GLN B 159 76.07 3.01 -13.25
CA GLN B 159 77.38 3.20 -12.65
C GLN B 159 78.46 2.38 -13.37
N ARG B 160 78.63 1.14 -12.96
CA ARG B 160 79.66 0.30 -13.56
C ARG B 160 79.57 0.21 -15.08
N ASN B 161 78.57 0.87 -15.67
CA ASN B 161 78.39 0.87 -17.14
C ASN B 161 79.55 1.50 -17.93
N HIS B 162 79.69 2.81 -17.81
CA HIS B 162 80.75 3.55 -18.52
C HIS B 162 81.93 3.82 -17.56
N GLU B 163 82.97 2.98 -17.66
CA GLU B 163 84.18 3.07 -16.82
C GLU B 163 85.28 3.91 -17.48
N GLY B 164 85.22 4.02 -18.80
CA GLY B 164 86.21 4.78 -19.55
C GLY B 164 86.09 6.28 -19.38
N HIS B 165 84.85 6.77 -19.33
CA HIS B 165 84.57 8.20 -19.16
C HIS B 165 84.99 8.73 -17.78
N GLU B 166 84.39 8.19 -16.72
CA GLU B 166 84.67 8.56 -15.34
C GLU B 166 86.09 8.16 -14.91
N ASP B 167 86.53 8.64 -13.75
CA ASP B 167 87.86 8.33 -13.24
C ASP B 167 87.82 8.11 -11.72
N ASP B 168 86.86 7.31 -11.27
CA ASP B 168 86.71 7.00 -9.84
C ASP B 168 86.33 8.23 -9.00
N GLY B 169 87.26 9.16 -8.85
CA GLY B 169 86.98 10.36 -8.05
C GLY B 169 85.60 10.96 -8.27
N HIS B 170 85.13 10.92 -9.52
CA HIS B 170 83.83 11.47 -9.88
C HIS B 170 82.68 10.61 -9.38
N ILE B 171 82.69 9.33 -9.75
CA ILE B 171 81.63 8.42 -9.34
C ILE B 171 81.50 8.21 -7.84
N ARG B 172 82.47 8.69 -7.05
CA ARG B 172 82.39 8.56 -5.59
C ARG B 172 81.25 9.46 -5.11
N ALA B 173 81.35 10.76 -5.38
CA ALA B 173 80.32 11.72 -4.98
C ALA B 173 79.05 11.47 -5.79
N GLN B 174 79.24 10.79 -6.92
CA GLN B 174 78.15 10.46 -7.82
C GLN B 174 77.50 9.16 -7.36
N GLN B 175 78.20 8.41 -6.53
CA GLN B 175 77.69 7.15 -6.01
C GLN B 175 76.93 7.50 -4.72
N ALA B 176 77.67 7.96 -3.71
CA ALA B 176 77.07 8.34 -2.45
C ALA B 176 75.79 9.12 -2.72
N CYS B 177 75.76 9.83 -3.84
CA CYS B 177 74.56 10.60 -4.17
C CYS B 177 73.43 9.66 -4.57
N ILE B 178 73.69 8.78 -5.55
CA ILE B 178 72.68 7.83 -6.01
C ILE B 178 72.42 6.72 -4.99
N GLU B 179 72.94 6.90 -3.78
CA GLU B 179 72.73 5.93 -2.74
C GLU B 179 72.01 6.59 -1.60
N ALA B 180 72.48 7.75 -1.18
CA ALA B 180 71.84 8.47 -0.07
C ALA B 180 70.44 8.90 -0.50
N LYS B 181 70.12 8.71 -1.78
CA LYS B 181 68.81 9.06 -2.28
C LYS B 181 67.83 8.08 -1.66
N HIS B 182 68.13 6.79 -1.83
CA HIS B 182 67.30 5.70 -1.30
C HIS B 182 67.38 5.61 0.21
N ASP B 183 68.55 5.88 0.77
CA ASP B 183 68.69 5.84 2.21
C ASP B 183 67.67 6.78 2.83
N LYS B 184 67.32 7.86 2.15
CA LYS B 184 66.34 8.78 2.71
C LYS B 184 64.98 8.14 2.54
N TYR B 185 64.61 7.80 1.31
CA TYR B 185 63.33 7.17 1.03
C TYR B 185 63.08 6.06 2.02
N MET B 186 64.16 5.51 2.54
CA MET B 186 64.08 4.44 3.51
C MET B 186 63.66 5.03 4.84
N ALA B 187 64.49 5.92 5.38
CA ALA B 187 64.21 6.55 6.67
C ALA B 187 62.89 7.31 6.67
N ASP B 188 62.43 7.66 5.48
CA ASP B 188 61.21 8.40 5.31
C ASP B 188 60.02 7.47 5.36
N MET B 189 60.16 6.31 4.73
CA MET B 189 59.11 5.31 4.73
C MET B 189 58.99 4.71 6.14
N ASP B 190 60.11 4.34 6.74
CA ASP B 190 60.09 3.82 8.09
C ASP B 190 59.52 4.89 8.99
N GLU B 191 59.56 6.12 8.53
CA GLU B 191 59.03 7.24 9.31
C GLU B 191 57.53 7.19 9.24
N LEU B 192 57.03 6.72 8.11
CA LEU B 192 55.60 6.63 7.87
C LEU B 192 54.96 5.58 8.79
N PHE B 193 55.49 4.36 8.75
CA PHE B 193 54.97 3.30 9.58
C PHE B 193 55.07 3.72 11.03
N SER B 194 56.17 4.37 11.39
CA SER B 194 56.32 4.82 12.76
C SER B 194 55.17 5.75 13.13
N GLN B 195 54.63 6.47 12.15
CA GLN B 195 53.52 7.40 12.36
C GLN B 195 52.23 6.64 12.59
N VAL B 196 52.00 5.64 11.75
CA VAL B 196 50.80 4.81 11.86
C VAL B 196 50.77 4.15 13.22
N ASP B 197 51.91 3.57 13.56
CA ASP B 197 52.08 2.87 14.81
C ASP B 197 51.79 3.70 16.04
N GLU B 198 52.10 4.99 15.98
CA GLU B 198 51.86 5.85 17.12
C GLU B 198 50.40 6.30 17.11
N LYS B 199 49.75 6.16 15.96
CA LYS B 199 48.35 6.54 15.83
C LYS B 199 47.52 5.47 16.55
N ARG B 200 48.21 4.41 17.02
CA ARG B 200 47.58 3.32 17.77
C ARG B 200 47.72 3.63 19.27
N LYS B 201 48.95 3.90 19.69
CA LYS B 201 49.24 4.19 21.09
C LYS B 201 48.36 5.35 21.59
N LYS B 202 47.86 6.16 20.67
CA LYS B 202 47.02 7.29 21.05
C LYS B 202 45.53 6.92 20.92
N ARG B 203 44.71 7.47 21.81
CA ARG B 203 43.29 7.20 21.78
C ARG B 203 42.46 8.37 22.29
N ASP B 204 41.99 8.25 23.52
CA ASP B 204 41.18 9.27 24.15
C ASP B 204 39.86 9.55 23.43
N ILE B 205 38.84 9.72 24.25
CA ILE B 205 37.49 9.97 23.82
C ILE B 205 37.18 11.44 24.01
N PRO B 206 36.64 12.08 22.96
CA PRO B 206 36.30 13.50 23.09
C PRO B 206 35.51 13.72 24.38
N ASP B 207 35.79 14.78 25.11
CA ASP B 207 35.07 15.04 26.36
C ASP B 207 33.56 15.09 26.22
N TYR B 208 33.10 15.78 25.17
CA TYR B 208 31.68 15.96 24.87
C TYR B 208 31.01 14.66 24.39
N LEU B 209 31.72 13.55 24.56
CA LEU B 209 31.27 12.21 24.16
C LEU B 209 31.25 11.34 25.38
N CYS B 210 31.51 11.91 26.55
CA CYS B 210 31.57 11.13 27.77
C CYS B 210 30.62 11.65 28.82
N GLY B 211 30.24 10.78 29.74
CA GLY B 211 29.32 11.18 30.80
C GLY B 211 29.91 12.02 31.91
N LYS B 212 29.14 12.98 32.41
CA LYS B 212 29.56 13.85 33.50
C LYS B 212 29.75 13.00 34.75
N ILE B 213 29.26 11.76 34.70
CA ILE B 213 29.37 10.85 35.82
C ILE B 213 30.23 9.64 35.51
N SER B 214 29.97 8.97 34.38
CA SER B 214 30.75 7.80 34.01
C SER B 214 32.20 8.16 33.67
N PHE B 215 32.39 9.29 33.00
CA PHE B 215 33.73 9.69 32.59
C PHE B 215 34.20 8.72 31.52
N GLU B 216 33.25 8.00 30.95
CA GLU B 216 33.53 7.05 29.88
C GLU B 216 32.54 7.24 28.73
N LEU B 217 32.92 6.83 27.53
CA LEU B 217 32.06 6.96 26.37
C LEU B 217 30.60 6.74 26.75
N MET B 218 29.68 7.51 26.17
CA MET B 218 28.26 7.37 26.47
C MET B 218 27.63 6.29 25.59
N ARG B 219 26.98 5.32 26.22
CA ARG B 219 26.36 4.23 25.47
C ARG B 219 24.85 4.38 25.32
N GLU B 220 24.27 5.21 26.18
CA GLU B 220 22.85 5.50 26.15
C GLU B 220 22.69 6.96 26.58
N PRO B 221 23.00 7.90 25.68
CA PRO B 221 22.86 9.31 26.03
C PRO B 221 21.43 9.77 26.30
N CYS B 222 21.19 10.45 27.43
CA CYS B 222 19.86 10.98 27.75
C CYS B 222 19.95 12.35 28.39
N ILE B 223 19.53 13.37 27.64
CA ILE B 223 19.61 14.75 28.10
C ILE B 223 18.58 15.02 29.20
N THR B 224 18.87 15.98 30.05
CA THR B 224 17.95 16.31 31.13
C THR B 224 17.42 17.70 30.80
N PRO B 225 16.47 18.20 31.60
CA PRO B 225 15.87 19.53 31.38
C PRO B 225 16.90 20.63 31.15
N SER B 226 17.89 20.72 32.04
CA SER B 226 18.93 21.74 31.93
C SER B 226 19.69 21.69 30.61
N GLY B 227 19.90 20.49 30.08
CA GLY B 227 20.61 20.39 28.82
C GLY B 227 21.84 19.52 28.93
N ILE B 228 22.03 18.86 30.06
CA ILE B 228 23.20 18.01 30.19
C ILE B 228 22.94 16.56 29.77
N THR B 229 23.90 15.94 29.11
CA THR B 229 23.73 14.56 28.69
C THR B 229 24.52 13.57 29.53
N TYR B 230 23.84 12.51 29.96
CA TYR B 230 24.46 11.48 30.76
C TYR B 230 24.15 10.12 30.16
N ASP B 231 24.70 9.08 30.77
CA ASP B 231 24.49 7.72 30.32
C ASP B 231 23.25 7.20 31.02
N ARG B 232 22.35 6.55 30.27
CA ARG B 232 21.10 6.05 30.86
C ARG B 232 21.28 5.21 32.11
N LYS B 233 22.53 4.96 32.51
CA LYS B 233 22.81 4.15 33.69
C LYS B 233 23.20 4.99 34.91
N ASP B 234 24.30 5.72 34.78
CA ASP B 234 24.81 6.55 35.84
C ASP B 234 23.80 7.48 36.47
N ILE B 235 23.07 8.23 35.65
CA ILE B 235 22.07 9.13 36.20
C ILE B 235 20.90 8.30 36.67
N GLU B 236 20.64 7.21 35.96
CA GLU B 236 19.52 6.35 36.31
C GLU B 236 19.74 5.94 37.77
N GLU B 237 20.99 5.65 38.13
CA GLU B 237 21.32 5.25 39.49
C GLU B 237 21.44 6.44 40.42
N HIS B 238 22.34 7.34 40.07
CA HIS B 238 22.54 8.55 40.85
C HIS B 238 21.21 9.05 41.41
N LEU B 239 20.25 9.25 40.52
CA LEU B 239 18.94 9.74 40.92
C LEU B 239 18.39 8.96 42.10
N GLN B 240 18.46 7.65 42.03
CA GLN B 240 17.94 6.87 43.14
C GLN B 240 19.04 6.10 43.86
N ARG B 241 19.75 6.82 44.70
CA ARG B 241 20.84 6.25 45.49
C ARG B 241 21.51 7.42 46.16
N VAL B 242 21.39 8.59 45.53
CA VAL B 242 21.98 9.81 46.03
C VAL B 242 20.91 10.88 46.24
N GLY B 243 20.14 11.16 45.20
CA GLY B 243 19.10 12.17 45.32
C GLY B 243 18.43 12.51 44.00
N HIS B 244 17.34 13.25 44.08
CA HIS B 244 16.60 13.63 42.89
C HIS B 244 16.99 15.01 42.40
N PHE B 245 18.22 15.12 41.89
CA PHE B 245 18.72 16.39 41.41
C PHE B 245 19.82 16.25 40.37
N ASN B 246 19.88 17.21 39.45
CA ASN B 246 20.87 17.24 38.39
C ASN B 246 22.24 17.36 39.04
N PRO B 247 23.13 16.37 38.82
CA PRO B 247 24.45 16.41 39.42
C PRO B 247 25.26 17.67 39.07
N VAL B 248 24.97 18.27 37.92
CA VAL B 248 25.69 19.46 37.48
C VAL B 248 25.02 20.78 37.88
N THR B 249 23.76 20.95 37.51
CA THR B 249 23.04 22.18 37.82
C THR B 249 22.39 22.15 39.20
N ARG B 250 22.39 20.97 39.84
CA ARG B 250 21.79 20.80 41.16
C ARG B 250 20.27 21.02 41.20
N SER B 251 19.66 21.41 40.08
CA SER B 251 18.21 21.62 40.03
C SER B 251 17.54 20.29 40.36
N PRO B 252 16.23 20.33 40.67
CA PRO B 252 15.49 19.11 40.99
C PRO B 252 15.21 18.29 39.72
N LEU B 253 15.51 16.99 39.76
CA LEU B 253 15.31 16.12 38.60
C LEU B 253 14.78 14.72 38.95
N THR B 254 13.93 14.18 38.08
CA THR B 254 13.35 12.84 38.26
C THR B 254 13.47 12.06 36.96
N GLN B 255 13.83 10.79 37.06
CA GLN B 255 14.02 9.91 35.90
C GLN B 255 13.03 10.15 34.78
N GLU B 256 11.78 10.34 35.16
CA GLU B 256 10.72 10.59 34.19
C GLU B 256 11.04 11.77 33.26
N GLN B 257 12.03 12.58 33.61
CA GLN B 257 12.36 13.72 32.77
C GLN B 257 13.55 13.45 31.87
N LEU B 258 14.07 12.25 31.92
CA LEU B 258 15.22 11.90 31.10
C LEU B 258 14.91 11.67 29.62
N ILE B 259 14.90 12.73 28.83
CA ILE B 259 14.64 12.60 27.39
C ILE B 259 15.84 11.96 26.69
N PRO B 260 15.65 10.80 26.04
CA PRO B 260 16.74 10.13 25.34
C PRO B 260 17.26 10.99 24.20
N ASN B 261 18.49 11.45 24.35
CA ASN B 261 19.12 12.29 23.34
C ASN B 261 19.46 11.44 22.13
N LEU B 262 18.60 11.50 21.13
CA LEU B 262 18.80 10.72 19.93
C LEU B 262 19.98 11.13 19.10
N ALA B 263 20.05 12.42 18.73
CA ALA B 263 21.16 12.87 17.89
C ALA B 263 22.51 12.41 18.42
N MET B 264 22.68 12.46 19.74
CA MET B 264 23.93 12.04 20.34
C MET B 264 24.16 10.54 20.14
N LYS B 265 23.10 9.75 20.25
CA LYS B 265 23.22 8.32 20.03
C LYS B 265 23.72 8.09 18.62
N GLU B 266 23.24 8.89 17.67
CA GLU B 266 23.64 8.76 16.28
C GLU B 266 25.08 9.18 16.07
N VAL B 267 25.56 10.09 16.93
CA VAL B 267 26.93 10.60 16.89
C VAL B 267 27.87 9.58 17.51
N ILE B 268 27.51 9.10 18.69
CA ILE B 268 28.30 8.10 19.42
C ILE B 268 28.45 6.84 18.58
N ASP B 269 27.40 6.52 17.87
CA ASP B 269 27.38 5.37 16.99
C ASP B 269 28.50 5.49 15.99
N ALA B 270 28.40 6.53 15.15
CA ALA B 270 29.38 6.79 14.10
C ALA B 270 30.81 6.81 14.65
N PHE B 271 30.95 7.23 15.89
CA PHE B 271 32.25 7.31 16.54
C PHE B 271 32.86 5.94 16.66
N ILE B 272 32.04 4.98 17.06
CA ILE B 272 32.50 3.61 17.24
C ILE B 272 32.85 2.96 15.89
N SER B 273 32.07 3.28 14.86
CA SER B 273 32.31 2.72 13.54
C SER B 273 33.75 2.92 13.12
N GLU B 274 34.29 4.07 13.50
CA GLU B 274 35.66 4.40 13.18
C GLU B 274 36.57 4.20 14.37
N ASN B 275 36.09 3.49 15.38
CA ASN B 275 36.91 3.28 16.55
C ASN B 275 36.67 1.95 17.20
N GLY B 276 36.84 0.90 16.40
CA GLY B 276 36.64 -0.47 16.87
C GLY B 276 37.39 -0.77 18.15
N TRP B 277 38.45 -0.02 18.40
CA TRP B 277 39.21 -0.24 19.60
C TRP B 277 38.40 0.10 20.84
N VAL B 278 37.31 0.85 20.68
CA VAL B 278 36.48 1.23 21.82
C VAL B 278 35.86 0.00 22.53
N GLU B 279 35.71 -1.05 21.75
CA GLU B 279 35.15 -2.32 22.17
C GLU B 279 36.29 -3.21 22.65
N ASP B 280 36.92 -2.86 23.76
CA ASP B 280 38.01 -3.72 24.21
C ASP B 280 38.03 -3.88 25.72
N TYR B 281 38.68 -4.95 26.16
CA TYR B 281 38.78 -5.33 27.57
C TYR B 281 40.10 -4.95 28.25
N SER C 1 -1.52 -45.07 24.38
CA SER C 1 -0.69 -45.90 23.46
C SER C 1 -0.33 -45.26 22.11
N PRO C 2 -1.24 -44.43 21.54
CA PRO C 2 -0.99 -43.78 20.25
C PRO C 2 -0.18 -42.49 20.45
N SER C 3 0.71 -42.22 19.49
CA SER C 3 1.57 -41.03 19.52
C SER C 3 0.83 -39.77 19.13
N ALA C 4 1.26 -38.62 19.66
CA ALA C 4 0.60 -37.37 19.34
C ALA C 4 0.56 -37.15 17.83
N GLN C 5 1.64 -37.46 17.13
CA GLN C 5 1.66 -37.27 15.67
C GLN C 5 0.66 -38.13 14.93
N GLU C 6 0.27 -39.24 15.55
CA GLU C 6 -0.69 -40.15 14.93
C GLU C 6 -2.10 -39.61 15.23
N LEU C 7 -2.32 -39.13 16.45
CA LEU C 7 -3.62 -38.59 16.86
C LEU C 7 -3.98 -37.38 16.03
N LYS C 8 -2.97 -36.63 15.64
CA LYS C 8 -3.25 -35.46 14.83
C LYS C 8 -3.70 -35.98 13.48
N GLU C 9 -2.92 -36.88 12.88
CA GLU C 9 -3.31 -37.42 11.57
C GLU C 9 -4.74 -37.94 11.61
N GLN C 10 -5.07 -38.67 12.66
CA GLN C 10 -6.41 -39.18 12.83
C GLN C 10 -7.37 -38.01 12.69
N GLY C 11 -7.28 -37.04 13.60
CA GLY C 11 -8.15 -35.89 13.55
C GLY C 11 -8.19 -35.27 12.17
N ASN C 12 -7.06 -35.24 11.48
CA ASN C 12 -6.97 -34.69 10.13
C ASN C 12 -7.92 -35.37 9.17
N ARG C 13 -8.03 -36.69 9.31
CA ARG C 13 -8.89 -37.50 8.46
C ARG C 13 -10.35 -37.21 8.78
N LEU C 14 -10.65 -37.03 10.06
CA LEU C 14 -11.99 -36.73 10.52
C LEU C 14 -12.41 -35.38 10.04
N PHE C 15 -11.58 -34.39 10.30
CA PHE C 15 -11.94 -33.04 9.90
C PHE C 15 -12.21 -32.95 8.43
N VAL C 16 -11.47 -33.69 7.63
CA VAL C 16 -11.71 -33.65 6.21
C VAL C 16 -13.06 -34.32 5.94
N GLY C 17 -13.36 -35.31 6.77
CA GLY C 17 -14.60 -36.05 6.65
C GLY C 17 -15.73 -35.30 7.32
N ARG C 18 -15.47 -34.03 7.62
CA ARG C 18 -16.47 -33.18 8.22
C ARG C 18 -16.98 -33.59 9.60
N LYS C 19 -16.26 -34.51 10.24
CA LYS C 19 -16.62 -34.91 11.59
C LYS C 19 -15.90 -33.95 12.53
N TYR C 20 -16.38 -32.70 12.60
CA TYR C 20 -15.75 -31.66 13.42
C TYR C 20 -15.71 -31.88 14.92
N PRO C 21 -16.82 -32.34 15.52
CA PRO C 21 -16.79 -32.54 16.97
C PRO C 21 -15.84 -33.68 17.32
N GLU C 22 -15.76 -34.68 16.43
CA GLU C 22 -14.89 -35.85 16.61
C GLU C 22 -13.40 -35.60 16.42
N ALA C 23 -13.07 -34.82 15.38
CA ALA C 23 -11.69 -34.48 15.07
C ALA C 23 -11.14 -33.58 16.18
N ALA C 24 -11.94 -32.60 16.57
CA ALA C 24 -11.55 -31.68 17.62
C ALA C 24 -11.17 -32.47 18.88
N ALA C 25 -12.02 -33.40 19.28
CA ALA C 25 -11.74 -34.24 20.45
C ALA C 25 -10.48 -35.06 20.22
N CYS C 26 -10.16 -35.28 18.94
CA CYS C 26 -8.98 -36.06 18.56
C CYS C 26 -7.70 -35.25 18.74
N TYR C 27 -7.81 -33.94 18.50
CA TYR C 27 -6.68 -33.03 18.65
C TYR C 27 -6.44 -32.81 20.14
N GLY C 28 -7.48 -32.98 20.94
CA GLY C 28 -7.37 -32.81 22.38
C GLY C 28 -6.53 -33.86 23.09
N ARG C 29 -6.46 -35.04 22.50
CA ARG C 29 -5.66 -36.11 23.08
C ARG C 29 -4.24 -35.92 22.62
N ALA C 30 -4.04 -35.30 21.46
CA ALA C 30 -2.70 -35.08 20.95
C ALA C 30 -2.09 -33.90 21.70
N ILE C 31 -2.95 -33.07 22.28
CA ILE C 31 -2.46 -31.92 23.00
C ILE C 31 -2.11 -32.32 24.42
N THR C 32 -2.84 -33.25 24.99
CA THR C 32 -2.52 -33.65 26.35
C THR C 32 -1.23 -34.46 26.30
N ARG C 33 -0.98 -35.06 25.15
CA ARG C 33 0.21 -35.87 24.90
C ARG C 33 1.48 -35.02 24.69
N ASN C 34 1.30 -33.82 24.15
CA ASN C 34 2.42 -32.90 23.90
C ASN C 34 1.86 -31.52 23.63
N PRO C 35 1.79 -30.69 24.68
CA PRO C 35 1.27 -29.34 24.59
C PRO C 35 2.06 -28.41 23.70
N LEU C 36 3.36 -28.62 23.69
CA LEU C 36 4.31 -27.80 22.95
C LEU C 36 4.30 -28.01 21.44
N VAL C 37 3.14 -27.86 20.78
CA VAL C 37 3.10 -27.99 19.32
C VAL C 37 1.99 -27.07 18.80
N ALA C 38 2.37 -25.99 18.13
CA ALA C 38 1.37 -25.04 17.67
C ALA C 38 0.30 -25.58 16.70
N VAL C 39 0.70 -26.44 15.77
CA VAL C 39 -0.23 -26.98 14.79
C VAL C 39 -1.51 -27.50 15.43
N TYR C 40 -1.37 -28.35 16.45
CA TYR C 40 -2.54 -28.92 17.13
C TYR C 40 -3.55 -27.87 17.51
N TYR C 41 -3.12 -26.90 18.32
CA TYR C 41 -4.01 -25.87 18.75
C TYR C 41 -4.73 -25.18 17.59
N THR C 42 -3.99 -24.67 16.60
CA THR C 42 -4.67 -23.98 15.49
C THR C 42 -5.65 -24.89 14.77
N ASN C 43 -5.32 -26.17 14.69
CA ASN C 43 -6.23 -27.08 14.04
C ASN C 43 -7.51 -27.21 14.81
N ARG C 44 -7.37 -27.46 16.11
CA ARG C 44 -8.53 -27.59 16.96
C ARG C 44 -9.34 -26.31 16.94
N ALA C 45 -8.65 -25.19 16.82
CA ALA C 45 -9.33 -23.91 16.77
C ALA C 45 -10.27 -23.89 15.54
N LEU C 46 -9.85 -24.48 14.42
CA LEU C 46 -10.69 -24.48 13.22
C LEU C 46 -11.93 -25.37 13.37
N CYS C 47 -11.83 -26.38 14.24
CA CYS C 47 -12.94 -27.28 14.49
C CYS C 47 -13.97 -26.50 15.25
N TYR C 48 -13.51 -25.86 16.30
CA TYR C 48 -14.43 -25.07 17.11
C TYR C 48 -15.16 -24.05 16.26
N LEU C 49 -14.46 -23.35 15.39
CA LEU C 49 -15.13 -22.38 14.55
C LEU C 49 -16.20 -23.08 13.70
N LYS C 50 -15.85 -24.16 13.02
CA LYS C 50 -16.83 -24.87 12.20
C LYS C 50 -17.96 -25.33 13.13
N MET C 51 -17.64 -25.59 14.39
CA MET C 51 -18.66 -26.01 15.32
C MET C 51 -19.37 -24.79 15.92
N GLN C 52 -19.16 -23.62 15.33
CA GLN C 52 -19.75 -22.37 15.81
C GLN C 52 -19.62 -22.18 17.32
N GLN C 53 -18.38 -22.09 17.78
CA GLN C 53 -18.06 -21.89 19.18
C GLN C 53 -16.74 -21.14 19.36
N PRO C 54 -16.69 -19.87 18.95
CA PRO C 54 -15.51 -19.03 19.05
C PRO C 54 -14.97 -18.95 20.46
N GLU C 55 -15.81 -19.25 21.44
CA GLU C 55 -15.38 -19.21 22.83
C GLU C 55 -14.13 -20.04 23.03
N GLN C 56 -14.18 -21.27 22.52
CA GLN C 56 -13.07 -22.21 22.63
C GLN C 56 -11.94 -21.88 21.69
N ALA C 57 -12.26 -21.65 20.42
CA ALA C 57 -11.24 -21.34 19.42
C ALA C 57 -10.38 -20.15 19.84
N LEU C 58 -11.02 -19.15 20.43
CA LEU C 58 -10.33 -17.95 20.89
C LEU C 58 -9.24 -18.31 21.89
N ALA C 59 -9.59 -19.21 22.81
CA ALA C 59 -8.66 -19.69 23.83
C ALA C 59 -7.51 -20.50 23.22
N ASP C 60 -7.85 -21.47 22.36
CA ASP C 60 -6.87 -22.34 21.69
C ASP C 60 -5.87 -21.61 20.80
N CYS C 61 -6.26 -20.43 20.32
CA CYS C 61 -5.42 -19.60 19.47
C CYS C 61 -4.50 -18.83 20.39
N ARG C 62 -5.04 -18.50 21.54
CA ARG C 62 -4.33 -17.77 22.55
C ARG C 62 -3.33 -18.69 23.23
N ARG C 63 -2.94 -19.75 22.54
CA ARG C 63 -1.98 -20.71 23.09
C ARG C 63 -1.05 -21.12 21.98
N ALA C 64 -1.58 -21.19 20.78
CA ALA C 64 -0.80 -21.55 19.61
C ALA C 64 0.18 -20.42 19.42
N LEU C 65 -0.28 -19.21 19.72
CA LEU C 65 0.57 -18.04 19.56
C LEU C 65 1.64 -17.95 20.66
N GLU C 66 1.39 -18.57 21.81
CA GLU C 66 2.36 -18.55 22.89
C GLU C 66 3.54 -19.41 22.48
N LEU C 67 3.34 -20.31 21.53
CA LEU C 67 4.43 -21.17 21.06
C LEU C 67 4.90 -20.78 19.65
N ASP C 68 4.26 -19.76 19.09
CA ASP C 68 4.61 -19.21 17.77
C ASP C 68 3.79 -17.96 17.53
N GLY C 69 4.40 -16.83 17.86
CA GLY C 69 3.76 -15.55 17.71
C GLY C 69 3.88 -15.11 16.28
N GLN C 70 4.48 -15.94 15.43
CA GLN C 70 4.58 -15.58 14.03
C GLN C 70 3.60 -16.41 13.19
N SER C 71 2.76 -17.20 13.87
CA SER C 71 1.77 -18.05 13.19
C SER C 71 0.71 -17.28 12.41
N VAL C 72 0.77 -17.45 11.09
CA VAL C 72 -0.15 -16.80 10.17
C VAL C 72 -1.55 -17.31 10.38
N LYS C 73 -1.66 -18.62 10.49
CA LYS C 73 -2.94 -19.26 10.70
C LYS C 73 -3.50 -18.83 12.03
N ALA C 74 -2.72 -18.97 13.11
CA ALA C 74 -3.17 -18.56 14.45
C ALA C 74 -3.79 -17.15 14.42
N HIS C 75 -3.08 -16.19 13.84
CA HIS C 75 -3.57 -14.82 13.73
C HIS C 75 -4.81 -14.72 12.90
N PHE C 76 -4.84 -15.43 11.78
CA PHE C 76 -5.99 -15.37 10.92
C PHE C 76 -7.23 -15.84 11.63
N PHE C 77 -7.12 -16.99 12.28
CA PHE C 77 -8.24 -17.60 13.02
C PHE C 77 -8.60 -16.80 14.24
N LEU C 78 -7.59 -16.29 14.94
CA LEU C 78 -7.88 -15.50 16.11
C LEU C 78 -8.79 -14.35 15.67
N GLY C 79 -8.38 -13.65 14.62
CA GLY C 79 -9.16 -12.53 14.12
C GLY C 79 -10.56 -13.02 13.76
N GLN C 80 -10.62 -14.15 13.09
CA GLN C 80 -11.91 -14.69 12.70
C GLN C 80 -12.84 -14.67 13.91
N CYS C 81 -12.45 -15.36 14.99
CA CYS C 81 -13.24 -15.46 16.23
C CYS C 81 -13.76 -14.14 16.73
N GLN C 82 -12.85 -13.19 16.87
CA GLN C 82 -13.17 -11.86 17.33
C GLN C 82 -14.35 -11.32 16.53
N LEU C 83 -14.46 -11.70 15.25
CA LEU C 83 -15.57 -11.26 14.44
C LEU C 83 -16.86 -11.70 15.12
N GLU C 84 -16.99 -12.99 15.41
CA GLU C 84 -18.19 -13.50 16.07
C GLU C 84 -18.47 -12.77 17.38
N MET C 85 -17.43 -12.57 18.18
CA MET C 85 -17.54 -11.89 19.46
C MET C 85 -17.90 -10.42 19.22
N GLU C 86 -17.86 -10.01 17.95
CA GLU C 86 -18.17 -8.66 17.55
C GLU C 86 -17.15 -7.62 18.03
N SER C 87 -15.86 -7.97 17.95
CA SER C 87 -14.81 -7.04 18.34
C SER C 87 -14.15 -6.56 17.06
N TYR C 88 -15.01 -6.14 16.15
CA TYR C 88 -14.64 -5.67 14.83
C TYR C 88 -13.28 -4.98 14.72
N ASP C 89 -12.94 -4.13 15.67
CA ASP C 89 -11.65 -3.45 15.60
C ASP C 89 -10.48 -4.41 15.66
N GLU C 90 -10.42 -5.21 16.73
CA GLU C 90 -9.32 -6.18 16.90
C GLU C 90 -9.28 -7.19 15.76
N ALA C 91 -10.45 -7.74 15.45
CA ALA C 91 -10.57 -8.72 14.39
C ALA C 91 -9.85 -8.29 13.12
N ILE C 92 -10.23 -7.12 12.59
CA ILE C 92 -9.64 -6.60 11.35
C ILE C 92 -8.13 -6.36 11.53
N ALA C 93 -7.73 -6.11 12.78
CA ALA C 93 -6.34 -5.86 13.11
C ALA C 93 -5.50 -7.13 12.95
N ASN C 94 -5.98 -8.22 13.55
CA ASN C 94 -5.28 -9.48 13.48
C ASN C 94 -5.32 -10.04 12.08
N LEU C 95 -6.36 -9.73 11.33
CA LEU C 95 -6.44 -10.19 9.95
C LEU C 95 -5.38 -9.40 9.21
N GLN C 96 -5.40 -8.09 9.44
CA GLN C 96 -4.43 -7.16 8.84
C GLN C 96 -3.01 -7.69 9.03
N ARG C 97 -2.70 -8.05 10.28
CA ARG C 97 -1.41 -8.57 10.71
C ARG C 97 -1.14 -9.97 10.16
N ALA C 98 -2.16 -10.81 10.18
CA ALA C 98 -2.04 -12.15 9.65
C ALA C 98 -1.73 -12.06 8.16
N TYR C 99 -2.10 -10.94 7.55
CA TYR C 99 -1.89 -10.73 6.13
C TYR C 99 -0.46 -10.35 5.81
N SER C 100 0.10 -9.49 6.66
CA SER C 100 1.46 -9.02 6.48
C SER C 100 2.42 -10.17 6.69
N LEU C 101 2.20 -10.96 7.73
CA LEU C 101 3.04 -12.11 8.02
C LEU C 101 3.04 -13.01 6.80
N ALA C 102 1.85 -13.40 6.36
CA ALA C 102 1.71 -14.26 5.20
C ALA C 102 2.50 -13.74 4.02
N LYS C 103 2.40 -12.42 3.77
CA LYS C 103 3.14 -11.85 2.66
C LYS C 103 4.63 -11.97 2.96
N GLU C 104 5.02 -11.61 4.17
CA GLU C 104 6.41 -11.67 4.63
C GLU C 104 7.04 -13.06 4.51
N GLN C 105 6.32 -14.07 5.00
CA GLN C 105 6.78 -15.46 4.97
C GLN C 105 6.68 -16.07 3.59
N ARG C 106 6.31 -15.25 2.62
CA ARG C 106 6.19 -15.67 1.25
C ARG C 106 5.21 -16.83 1.09
N LEU C 107 4.15 -16.81 1.90
CA LEU C 107 3.11 -17.85 1.82
C LEU C 107 2.05 -17.38 0.84
N ASN C 108 1.24 -18.32 0.37
CA ASN C 108 0.21 -17.97 -0.59
C ASN C 108 -1.13 -18.58 -0.31
N PHE C 109 -2.17 -17.74 -0.19
CA PHE C 109 -3.53 -18.23 0.03
C PHE C 109 -4.39 -17.56 -1.01
N GLY C 110 -4.19 -16.25 -1.19
CA GLY C 110 -4.94 -15.51 -2.17
C GLY C 110 -6.41 -15.38 -1.81
N ASP C 111 -6.92 -14.15 -1.85
CA ASP C 111 -8.32 -13.86 -1.53
C ASP C 111 -8.66 -14.24 -0.11
N ASP C 112 -8.41 -15.50 0.22
CA ASP C 112 -8.72 -15.99 1.53
C ASP C 112 -8.52 -14.95 2.64
N ILE C 113 -7.47 -14.14 2.54
CA ILE C 113 -7.23 -13.12 3.56
C ILE C 113 -7.82 -11.74 3.23
N PRO C 114 -7.47 -11.16 2.07
CA PRO C 114 -8.02 -9.85 1.74
C PRO C 114 -9.54 -9.92 1.69
N SER C 115 -10.06 -11.08 1.32
CA SER C 115 -11.49 -11.29 1.24
C SER C 115 -12.12 -11.19 2.62
N ALA C 116 -11.74 -12.09 3.52
CA ALA C 116 -12.29 -12.10 4.87
C ALA C 116 -11.97 -10.79 5.54
N LEU C 117 -10.87 -10.18 5.10
CA LEU C 117 -10.47 -8.91 5.66
C LEU C 117 -11.51 -7.87 5.19
N ARG C 118 -11.76 -7.84 3.89
CA ARG C 118 -12.71 -6.91 3.34
C ARG C 118 -14.09 -7.21 3.90
N ILE C 119 -14.35 -8.47 4.22
CA ILE C 119 -15.65 -8.84 4.77
C ILE C 119 -15.81 -8.33 6.17
N ALA C 120 -14.75 -8.46 6.96
CA ALA C 120 -14.77 -8.01 8.35
C ALA C 120 -14.86 -6.49 8.38
N LYS C 121 -14.36 -5.83 7.33
CA LYS C 121 -14.43 -4.37 7.29
C LYS C 121 -15.86 -3.96 7.01
N LYS C 122 -16.55 -4.75 6.19
CA LYS C 122 -17.92 -4.46 5.82
C LYS C 122 -18.88 -4.72 6.97
N LYS C 123 -18.71 -5.87 7.64
CA LYS C 123 -19.56 -6.23 8.76
C LYS C 123 -19.35 -5.28 9.93
N ARG C 124 -18.19 -4.66 9.99
CA ARG C 124 -17.88 -3.71 11.06
C ARG C 124 -18.68 -2.46 10.78
N TRP C 125 -18.46 -1.88 9.60
CA TRP C 125 -19.14 -0.67 9.17
C TRP C 125 -20.65 -0.81 9.35
N ASN C 126 -21.15 -1.98 9.01
CA ASN C 126 -22.56 -2.25 9.15
C ASN C 126 -23.02 -1.94 10.55
N SER C 127 -22.13 -2.16 11.50
CA SER C 127 -22.48 -1.90 12.88
C SER C 127 -22.69 -0.43 13.15
N ILE C 128 -21.62 0.33 13.19
CA ILE C 128 -21.76 1.76 13.47
C ILE C 128 -22.65 2.48 12.49
N GLU C 129 -23.03 1.81 11.41
CA GLU C 129 -23.90 2.46 10.44
C GLU C 129 -25.33 2.41 10.95
N GLU C 130 -25.75 1.25 11.44
CA GLU C 130 -27.08 1.10 11.97
C GLU C 130 -27.11 1.70 13.36
N ARG C 131 -26.01 2.28 13.73
CA ARG C 131 -25.87 2.90 15.04
C ARG C 131 -26.10 4.40 14.93
N ARG C 132 -26.09 4.93 13.70
CA ARG C 132 -26.29 6.36 13.52
C ARG C 132 -27.72 6.77 13.86
N ILE C 133 -27.91 8.05 14.08
CA ILE C 133 -29.22 8.57 14.44
C ILE C 133 -29.98 9.17 13.26
N HIS C 134 -29.22 9.78 12.35
CA HIS C 134 -29.76 10.42 11.14
C HIS C 134 -30.52 11.72 11.47
N GLN C 135 -31.09 11.78 12.68
CA GLN C 135 -31.88 12.93 13.13
C GLN C 135 -33.08 13.08 12.21
N GLU C 136 -34.28 12.78 12.71
CA GLU C 136 -35.49 12.86 11.90
C GLU C 136 -35.61 14.13 11.05
N SER C 137 -36.34 15.12 11.57
CA SER C 137 -36.54 16.38 10.86
C SER C 137 -37.67 17.15 11.49
N GLU C 138 -37.71 18.43 11.16
CA GLU C 138 -38.72 19.36 11.64
C GLU C 138 -40.10 18.94 11.14
N LEU C 139 -40.25 18.94 9.81
CA LEU C 139 -41.51 18.57 9.16
C LEU C 139 -41.79 17.09 9.33
N HIS C 140 -40.73 16.30 9.41
CA HIS C 140 -40.87 14.87 9.55
C HIS C 140 -41.55 14.53 10.86
N SER C 141 -40.82 14.72 11.95
CA SER C 141 -41.35 14.44 13.28
C SER C 141 -42.84 14.82 13.35
N TYR C 142 -43.23 15.86 12.62
CA TYR C 142 -44.60 16.34 12.60
C TYR C 142 -45.53 15.41 11.85
N LEU C 143 -45.38 15.39 10.53
CA LEU C 143 -46.20 14.55 9.66
C LEU C 143 -46.11 13.09 10.10
N THR C 144 -44.96 12.71 10.65
CA THR C 144 -44.79 11.34 11.08
C THR C 144 -45.89 10.95 12.06
N ARG C 145 -46.19 11.83 13.01
CA ARG C 145 -47.23 11.51 13.98
C ARG C 145 -48.62 11.81 13.43
N LEU C 146 -48.74 12.80 12.55
CA LEU C 146 -50.04 13.14 11.95
C LEU C 146 -50.70 11.91 11.37
N ILE C 147 -49.88 11.01 10.84
CA ILE C 147 -50.38 9.78 10.24
C ILE C 147 -50.78 8.81 11.36
N ALA C 148 -49.85 8.56 12.27
CA ALA C 148 -50.11 7.67 13.40
C ALA C 148 -51.39 8.09 14.10
N ALA C 149 -51.69 9.38 14.03
CA ALA C 149 -52.89 9.94 14.65
C ALA C 149 -54.15 9.53 13.89
N GLU C 150 -54.13 9.77 12.58
CA GLU C 150 -55.25 9.44 11.70
C GLU C 150 -55.53 7.95 11.81
N ARG C 151 -54.49 7.19 12.14
CA ARG C 151 -54.62 5.74 12.29
C ARG C 151 -55.44 5.37 13.53
N GLU C 152 -55.19 6.04 14.66
CA GLU C 152 -55.95 5.74 15.88
C GLU C 152 -57.43 6.06 15.68
N ARG C 153 -57.71 7.19 15.03
CA ARG C 153 -59.07 7.65 14.77
C ARG C 153 -59.89 6.64 13.97
N GLU C 154 -59.21 5.59 13.51
CA GLU C 154 -59.83 4.54 12.73
C GLU C 154 -59.78 3.23 13.50
N LEU C 155 -58.57 2.71 13.70
CA LEU C 155 -58.39 1.46 14.43
C LEU C 155 -58.97 1.50 15.84
N GLU C 156 -58.85 2.63 16.51
CA GLU C 156 -59.36 2.76 17.87
C GLU C 156 -60.55 3.71 17.98
N GLU C 157 -61.07 4.13 16.82
CA GLU C 157 -62.22 5.04 16.78
C GLU C 157 -63.04 4.88 15.50
N CYS C 158 -63.25 3.63 15.10
CA CYS C 158 -64.04 3.36 13.90
C CYS C 158 -64.03 1.86 13.64
N GLN C 159 -63.32 1.14 14.52
CA GLN C 159 -63.20 -0.31 14.44
C GLN C 159 -64.25 -0.95 15.33
N ARG C 160 -64.43 -0.41 16.53
CA ARG C 160 -65.43 -0.93 17.44
C ARG C 160 -66.80 -0.32 17.07
N ASN C 161 -66.83 0.39 15.94
CA ASN C 161 -68.04 1.04 15.42
C ASN C 161 -69.18 0.03 15.22
N HIS C 162 -68.79 -1.20 14.89
CA HIS C 162 -69.73 -2.31 14.65
C HIS C 162 -69.19 -3.61 15.27
N GLU C 163 -69.26 -3.74 16.59
CA GLU C 163 -68.78 -4.95 17.28
C GLU C 163 -69.59 -6.17 16.88
N GLY C 164 -70.82 -5.93 16.45
CA GLY C 164 -71.71 -6.99 16.02
C GLY C 164 -71.58 -7.29 14.54
N HIS C 165 -71.82 -6.27 13.71
CA HIS C 165 -71.72 -6.40 12.24
C HIS C 165 -70.35 -6.86 11.75
N GLU C 166 -69.34 -6.75 12.62
CA GLU C 166 -67.96 -7.14 12.32
C GLU C 166 -67.27 -7.70 13.58
N ASP C 167 -67.40 -9.01 13.80
CA ASP C 167 -66.80 -9.68 14.96
C ASP C 167 -65.27 -9.73 14.82
N ASP C 168 -64.64 -10.62 15.57
CA ASP C 168 -63.18 -10.80 15.53
C ASP C 168 -62.64 -11.02 14.11
N GLY C 169 -63.05 -12.13 13.50
CA GLY C 169 -62.59 -12.46 12.15
C GLY C 169 -62.63 -11.35 11.11
N HIS C 170 -63.75 -10.62 11.07
CA HIS C 170 -63.94 -9.54 10.10
C HIS C 170 -62.97 -8.37 10.23
N ILE C 171 -63.15 -7.55 11.26
CA ILE C 171 -62.27 -6.41 11.47
C ILE C 171 -60.84 -6.81 11.85
N ARG C 172 -60.55 -8.11 11.92
CA ARG C 172 -59.19 -8.53 12.22
C ARG C 172 -58.40 -8.37 10.94
N ALA C 173 -59.13 -8.36 9.82
CA ALA C 173 -58.57 -8.19 8.48
C ALA C 173 -58.83 -6.75 8.03
N GLN C 174 -59.92 -6.19 8.54
CA GLN C 174 -60.31 -4.80 8.25
C GLN C 174 -59.37 -3.87 8.99
N GLN C 175 -58.61 -4.45 9.91
CA GLN C 175 -57.63 -3.73 10.73
C GLN C 175 -56.35 -3.53 9.96
N ALA C 176 -55.69 -4.63 9.63
CA ALA C 176 -54.47 -4.55 8.86
C ALA C 176 -54.81 -3.95 7.48
N CYS C 177 -56.07 -4.07 7.08
CA CYS C 177 -56.51 -3.54 5.79
C CYS C 177 -56.17 -2.05 5.68
N ILE C 178 -56.57 -1.28 6.69
CA ILE C 178 -56.28 0.15 6.67
C ILE C 178 -54.84 0.40 7.12
N GLU C 179 -54.36 -0.39 8.09
CA GLU C 179 -52.99 -0.25 8.56
C GLU C 179 -51.99 -0.22 7.43
N ALA C 180 -52.20 -1.08 6.44
CA ALA C 180 -51.31 -1.12 5.29
C ALA C 180 -51.51 0.13 4.44
N LYS C 181 -52.73 0.69 4.44
CA LYS C 181 -53.02 1.90 3.67
C LYS C 181 -52.23 3.08 4.22
N HIS C 182 -51.97 3.06 5.52
CA HIS C 182 -51.21 4.12 6.18
C HIS C 182 -49.71 3.76 6.22
N ASP C 183 -49.40 2.49 6.41
CA ASP C 183 -48.00 2.07 6.43
C ASP C 183 -47.33 2.34 5.09
N LYS C 184 -48.15 2.43 4.04
CA LYS C 184 -47.65 2.68 2.71
C LYS C 184 -47.65 4.16 2.46
N TYR C 185 -48.77 4.82 2.78
CA TYR C 185 -48.87 6.26 2.58
C TYR C 185 -47.65 6.91 3.17
N MET C 186 -47.20 6.39 4.31
CA MET C 186 -46.04 6.89 5.00
C MET C 186 -44.78 6.38 4.32
N ALA C 187 -44.87 5.16 3.82
CA ALA C 187 -43.76 4.53 3.14
C ALA C 187 -43.31 5.47 2.02
N ASP C 188 -44.25 5.91 1.17
CA ASP C 188 -43.92 6.81 0.08
C ASP C 188 -43.24 8.08 0.60
N MET C 189 -43.64 8.47 1.80
CA MET C 189 -43.08 9.66 2.43
C MET C 189 -41.60 9.47 2.73
N ASP C 190 -41.29 8.46 3.53
CA ASP C 190 -39.91 8.17 3.89
C ASP C 190 -38.95 8.30 2.72
N GLU C 191 -39.37 7.77 1.58
CA GLU C 191 -38.55 7.82 0.39
C GLU C 191 -38.40 9.26 -0.05
N LEU C 192 -39.32 10.12 0.37
CA LEU C 192 -39.28 11.53 0.03
C LEU C 192 -38.17 12.21 0.81
N PHE C 193 -38.19 12.02 2.12
CA PHE C 193 -37.19 12.65 2.97
C PHE C 193 -35.80 12.05 2.77
N SER C 194 -35.72 10.99 1.99
CA SER C 194 -34.43 10.36 1.75
C SER C 194 -33.86 10.82 0.42
N GLN C 195 -34.73 10.96 -0.58
CA GLN C 195 -34.29 11.39 -1.90
C GLN C 195 -34.29 12.90 -2.01
N VAL C 196 -34.61 13.57 -0.90
CA VAL C 196 -34.67 15.03 -0.88
C VAL C 196 -33.34 15.66 -0.49
N ASP C 197 -32.28 15.24 -1.18
CA ASP C 197 -30.93 15.74 -0.93
C ASP C 197 -30.42 15.29 0.46
N GLU C 198 -31.14 14.35 1.07
CA GLU C 198 -30.74 13.85 2.37
C GLU C 198 -29.70 12.73 2.33
N LYS C 199 -28.74 12.82 3.25
CA LYS C 199 -27.67 11.86 3.37
C LYS C 199 -28.14 10.67 4.21
N ARG C 200 -29.39 10.74 4.67
CA ARG C 200 -29.99 9.69 5.49
C ARG C 200 -30.04 8.36 4.75
N LYS C 201 -29.60 8.34 3.49
CA LYS C 201 -29.62 7.13 2.69
C LYS C 201 -28.43 6.23 3.04
N LYS C 202 -28.67 4.92 3.15
CA LYS C 202 -27.62 3.95 3.48
C LYS C 202 -26.32 4.27 2.74
N ARG C 203 -25.23 4.36 3.51
CA ARG C 203 -23.93 4.67 2.97
C ARG C 203 -23.00 3.45 2.93
N ASP C 204 -22.80 2.91 1.73
CA ASP C 204 -21.94 1.76 1.58
C ASP C 204 -21.00 2.01 0.43
N ILE C 205 -19.93 1.22 0.35
CA ILE C 205 -18.98 1.37 -0.73
C ILE C 205 -19.17 0.22 -1.71
N PRO C 206 -19.36 0.55 -2.98
CA PRO C 206 -19.54 -0.43 -4.04
C PRO C 206 -18.39 -1.42 -4.08
N ASP C 207 -18.50 -2.40 -4.96
CA ASP C 207 -17.48 -3.43 -5.10
C ASP C 207 -16.63 -3.12 -6.30
N TYR C 208 -17.28 -2.72 -7.40
CA TYR C 208 -16.58 -2.40 -8.64
C TYR C 208 -15.61 -1.25 -8.45
N LEU C 209 -15.48 -0.79 -7.21
CA LEU C 209 -14.59 0.31 -6.91
C LEU C 209 -13.34 -0.19 -6.19
N CYS C 210 -13.31 -1.50 -5.92
CA CYS C 210 -12.18 -2.12 -5.21
C CYS C 210 -11.33 -2.96 -6.16
N GLY C 211 -10.10 -3.25 -5.76
CA GLY C 211 -9.23 -4.05 -6.60
C GLY C 211 -9.50 -5.54 -6.54
N LYS C 212 -9.14 -6.26 -7.61
CA LYS C 212 -9.35 -7.70 -7.68
C LYS C 212 -8.33 -8.44 -6.85
N ILE C 213 -7.41 -7.70 -6.26
CA ILE C 213 -6.39 -8.32 -5.42
C ILE C 213 -6.55 -7.74 -4.05
N SER C 214 -6.29 -6.44 -3.94
CA SER C 214 -6.39 -5.74 -2.67
C SER C 214 -7.77 -5.90 -2.06
N PHE C 215 -8.79 -6.02 -2.89
CA PHE C 215 -10.13 -6.15 -2.36
C PHE C 215 -10.51 -4.91 -1.58
N GLU C 216 -9.83 -3.80 -1.88
CA GLU C 216 -10.13 -2.53 -1.21
C GLU C 216 -10.13 -1.41 -2.25
N LEU C 217 -10.69 -0.26 -1.89
CA LEU C 217 -10.77 0.89 -2.79
C LEU C 217 -9.43 1.18 -3.49
N MET C 218 -9.46 1.37 -4.80
CA MET C 218 -8.24 1.62 -5.56
C MET C 218 -7.84 3.08 -5.63
N ARG C 219 -6.56 3.35 -5.50
CA ARG C 219 -6.09 4.72 -5.55
C ARG C 219 -5.29 4.99 -6.81
N GLU C 220 -4.93 3.92 -7.53
CA GLU C 220 -4.15 4.06 -8.76
C GLU C 220 -4.59 2.97 -9.73
N PRO C 221 -5.89 2.90 -10.03
CA PRO C 221 -6.41 1.89 -10.94
C PRO C 221 -5.76 1.82 -12.30
N CYS C 222 -5.52 0.59 -12.75
CA CYS C 222 -4.97 0.36 -14.07
C CYS C 222 -5.42 -1.02 -14.50
N ILE C 223 -5.73 -1.11 -15.78
CA ILE C 223 -6.23 -2.31 -16.40
C ILE C 223 -5.15 -3.08 -17.17
N THR C 224 -5.45 -4.32 -17.54
CA THR C 224 -4.52 -5.17 -18.28
C THR C 224 -5.12 -5.54 -19.65
N PRO C 225 -4.31 -6.13 -20.56
CA PRO C 225 -4.80 -6.52 -21.90
C PRO C 225 -6.04 -7.39 -21.85
N SER C 226 -6.20 -8.10 -20.73
CA SER C 226 -7.34 -8.97 -20.46
C SER C 226 -8.55 -8.09 -20.29
N GLY C 227 -8.46 -7.14 -19.35
CA GLY C 227 -9.55 -6.23 -19.11
C GLY C 227 -9.90 -6.09 -17.64
N ILE C 228 -9.08 -6.68 -16.78
CA ILE C 228 -9.34 -6.59 -15.36
C ILE C 228 -8.62 -5.38 -14.78
N THR C 229 -9.28 -4.69 -13.85
CA THR C 229 -8.68 -3.51 -13.24
C THR C 229 -8.23 -3.73 -11.78
N TYR C 230 -6.92 -3.67 -11.56
CA TYR C 230 -6.33 -3.83 -10.23
C TYR C 230 -5.68 -2.51 -9.88
N ASP C 231 -5.21 -2.41 -8.64
CA ASP C 231 -4.54 -1.23 -8.11
C ASP C 231 -3.08 -1.36 -8.54
N ARG C 232 -2.52 -0.31 -9.15
CA ARG C 232 -1.14 -0.36 -9.64
C ARG C 232 -0.13 -0.77 -8.58
N LYS C 233 -0.48 -0.58 -7.31
CA LYS C 233 0.43 -0.91 -6.23
C LYS C 233 0.41 -2.39 -5.86
N ASP C 234 -0.71 -3.07 -6.11
CA ASP C 234 -0.84 -4.50 -5.79
C ASP C 234 -0.31 -5.41 -6.90
N ILE C 235 -0.79 -5.23 -8.13
CA ILE C 235 -0.30 -6.05 -9.24
C ILE C 235 1.12 -5.61 -9.55
N GLU C 236 1.64 -4.70 -8.73
CA GLU C 236 2.99 -4.20 -8.91
C GLU C 236 3.89 -5.26 -8.29
N GLU C 237 3.62 -5.60 -7.04
CA GLU C 237 4.41 -6.60 -6.34
C GLU C 237 4.14 -8.01 -6.87
N HIS C 238 2.87 -8.31 -7.14
CA HIS C 238 2.51 -9.62 -7.67
C HIS C 238 3.31 -9.94 -8.93
N LEU C 239 3.77 -8.92 -9.64
CA LEU C 239 4.54 -9.15 -10.84
C LEU C 239 6.00 -9.42 -10.49
N GLN C 240 6.44 -8.89 -9.35
CA GLN C 240 7.83 -9.07 -8.92
C GLN C 240 7.94 -9.88 -7.62
N ARG C 241 6.92 -10.70 -7.32
CA ARG C 241 6.90 -11.55 -6.12
C ARG C 241 6.12 -12.83 -6.32
N VAL C 242 5.58 -13.04 -7.51
CA VAL C 242 4.81 -14.25 -7.76
C VAL C 242 4.97 -14.76 -9.21
N GLY C 243 5.31 -13.88 -10.15
CA GLY C 243 5.48 -14.32 -11.52
C GLY C 243 5.09 -13.27 -12.52
N HIS C 244 4.84 -13.69 -13.76
CA HIS C 244 4.45 -12.77 -14.82
C HIS C 244 3.19 -13.27 -15.50
N PHE C 245 2.10 -13.31 -14.73
CA PHE C 245 0.81 -13.78 -15.24
C PHE C 245 -0.37 -13.04 -14.58
N ASN C 246 -1.45 -12.87 -15.32
CA ASN C 246 -2.62 -12.20 -14.81
C ASN C 246 -3.21 -13.01 -13.65
N PRO C 247 -3.30 -12.43 -12.44
CA PRO C 247 -3.83 -13.10 -11.25
C PRO C 247 -5.31 -13.50 -11.35
N VAL C 248 -5.83 -13.52 -12.56
CA VAL C 248 -7.22 -13.92 -12.80
C VAL C 248 -7.26 -14.79 -14.05
N THR C 249 -7.06 -14.18 -15.21
CA THR C 249 -7.07 -14.91 -16.48
C THR C 249 -5.82 -15.79 -16.61
N ARG C 250 -4.83 -15.54 -15.76
CA ARG C 250 -3.61 -16.34 -15.80
C ARG C 250 -2.90 -16.20 -17.14
N SER C 251 -3.05 -15.05 -17.80
CA SER C 251 -2.41 -14.82 -19.09
C SER C 251 -0.99 -14.32 -18.92
N PRO C 252 -0.15 -14.51 -19.96
CA PRO C 252 1.25 -14.04 -19.90
C PRO C 252 1.34 -12.51 -19.88
N LEU C 253 1.24 -11.93 -18.69
CA LEU C 253 1.31 -10.48 -18.53
C LEU C 253 2.67 -9.98 -18.02
N THR C 254 3.00 -8.74 -18.36
CA THR C 254 4.28 -8.15 -17.94
C THR C 254 4.06 -6.70 -17.53
N GLN C 255 4.78 -6.24 -16.51
CA GLN C 255 4.61 -4.88 -16.01
C GLN C 255 4.48 -3.77 -17.07
N GLU C 256 5.39 -3.72 -18.03
CA GLU C 256 5.32 -2.70 -19.07
C GLU C 256 4.19 -2.98 -20.06
N GLN C 257 3.06 -3.44 -19.53
CA GLN C 257 1.91 -3.74 -20.38
C GLN C 257 0.63 -3.25 -19.73
N LEU C 258 0.78 -2.73 -18.52
CA LEU C 258 -0.31 -2.17 -17.75
C LEU C 258 -0.71 -0.81 -18.30
N ILE C 259 -2.02 -0.60 -18.48
CA ILE C 259 -2.57 0.67 -18.98
C ILE C 259 -3.29 1.32 -17.81
N PRO C 260 -3.07 2.63 -17.58
CA PRO C 260 -3.71 3.38 -16.49
C PRO C 260 -5.17 3.62 -16.79
N ASN C 261 -6.03 3.09 -15.94
CA ASN C 261 -7.46 3.25 -16.14
C ASN C 261 -7.94 4.63 -15.67
N LEU C 262 -7.58 5.65 -16.44
CA LEU C 262 -7.95 7.01 -16.15
C LEU C 262 -9.43 7.19 -15.84
N ALA C 263 -10.30 6.69 -16.70
CA ALA C 263 -11.72 6.86 -16.44
C ALA C 263 -12.09 6.33 -15.07
N MET C 264 -11.34 5.34 -14.57
CA MET C 264 -11.66 4.81 -13.25
C MET C 264 -11.29 5.76 -12.16
N LYS C 265 -10.04 6.21 -12.18
CA LYS C 265 -9.56 7.17 -11.20
C LYS C 265 -10.70 8.18 -11.02
N GLU C 266 -11.16 8.74 -12.14
CA GLU C 266 -12.26 9.69 -12.11
C GLU C 266 -13.39 9.23 -11.23
N VAL C 267 -13.97 8.11 -11.60
CA VAL C 267 -15.06 7.56 -10.83
C VAL C 267 -14.70 7.39 -9.38
N ILE C 268 -13.52 6.87 -9.09
CA ILE C 268 -13.14 6.71 -7.69
C ILE C 268 -13.00 8.05 -6.99
N ASP C 269 -12.33 9.01 -7.62
CA ASP C 269 -12.17 10.34 -7.03
C ASP C 269 -13.53 10.93 -6.66
N ALA C 270 -14.38 11.04 -7.67
CA ALA C 270 -15.73 11.58 -7.52
C ALA C 270 -16.43 10.93 -6.36
N PHE C 271 -16.23 9.64 -6.19
CA PHE C 271 -16.88 8.96 -5.09
C PHE C 271 -16.45 9.55 -3.77
N ILE C 272 -15.15 9.48 -3.52
CA ILE C 272 -14.58 10.01 -2.30
C ILE C 272 -15.04 11.44 -2.07
N SER C 273 -14.81 12.29 -3.07
CA SER C 273 -15.20 13.69 -2.96
C SER C 273 -16.63 13.91 -2.58
N GLU C 274 -17.42 12.86 -2.57
CA GLU C 274 -18.83 13.00 -2.24
C GLU C 274 -19.15 12.32 -0.92
N ASN C 275 -18.37 11.29 -0.59
CA ASN C 275 -18.59 10.53 0.62
C ASN C 275 -17.69 10.89 1.77
N GLY C 276 -18.32 11.52 2.76
CA GLY C 276 -17.66 11.95 3.97
C GLY C 276 -16.97 10.83 4.70
N TRP C 277 -17.69 9.72 4.91
CA TRP C 277 -17.10 8.59 5.60
C TRP C 277 -15.87 8.14 4.85
N VAL C 278 -15.66 6.83 4.77
CA VAL C 278 -14.49 6.28 4.10
C VAL C 278 -13.31 6.76 4.94
N GLU C 279 -12.16 6.11 4.82
CA GLU C 279 -11.01 6.49 5.63
C GLU C 279 -11.38 6.06 7.05
N ASP C 280 -12.68 6.07 7.33
CA ASP C 280 -13.24 5.66 8.63
C ASP C 280 -13.79 4.28 8.45
N TYR C 281 -13.96 3.93 7.18
CA TYR C 281 -14.46 2.64 6.80
C TYR C 281 -13.38 1.62 7.12
N SER D 1 -55.05 -33.80 -47.20
CA SER D 1 -54.70 -33.91 -48.65
C SER D 1 -53.38 -33.18 -48.96
N PRO D 2 -53.21 -31.92 -48.48
CA PRO D 2 -51.98 -31.13 -48.70
C PRO D 2 -50.91 -31.40 -47.61
N SER D 3 -49.64 -31.41 -48.00
CA SER D 3 -48.55 -31.65 -47.05
C SER D 3 -48.37 -30.50 -46.07
N ALA D 4 -47.95 -30.80 -44.84
CA ALA D 4 -47.75 -29.74 -43.87
C ALA D 4 -46.69 -28.80 -44.43
N GLN D 5 -45.62 -29.37 -44.98
CA GLN D 5 -44.53 -28.58 -45.55
C GLN D 5 -45.00 -27.72 -46.70
N GLU D 6 -46.23 -27.95 -47.12
CA GLU D 6 -46.81 -27.18 -48.19
C GLU D 6 -47.75 -26.15 -47.54
N LEU D 7 -48.63 -26.61 -46.64
CA LEU D 7 -49.54 -25.70 -45.95
C LEU D 7 -48.81 -24.49 -45.38
N LYS D 8 -47.48 -24.51 -45.46
CA LYS D 8 -46.68 -23.41 -44.99
C LYS D 8 -46.61 -22.34 -46.06
N GLU D 9 -46.53 -22.74 -47.31
CA GLU D 9 -46.49 -21.76 -48.39
C GLU D 9 -47.83 -21.06 -48.50
N GLN D 10 -48.90 -21.83 -48.31
CA GLN D 10 -50.26 -21.29 -48.36
C GLN D 10 -50.47 -20.29 -47.22
N GLY D 11 -49.63 -20.40 -46.19
CA GLY D 11 -49.70 -19.52 -45.03
C GLY D 11 -48.98 -18.23 -45.35
N ASN D 12 -47.94 -18.34 -46.17
CA ASN D 12 -47.16 -17.20 -46.61
C ASN D 12 -48.05 -16.31 -47.49
N ARG D 13 -48.90 -16.96 -48.28
CA ARG D 13 -49.81 -16.27 -49.15
C ARG D 13 -50.67 -15.35 -48.30
N LEU D 14 -51.60 -15.93 -47.54
CA LEU D 14 -52.48 -15.13 -46.66
C LEU D 14 -51.72 -14.06 -45.87
N PHE D 15 -50.62 -14.48 -45.26
CA PHE D 15 -49.77 -13.58 -44.48
C PHE D 15 -49.51 -12.33 -45.30
N VAL D 16 -48.46 -12.36 -46.13
CA VAL D 16 -48.08 -11.23 -46.97
C VAL D 16 -49.33 -10.53 -47.53
N GLY D 17 -50.39 -11.33 -47.70
CA GLY D 17 -51.64 -10.84 -48.22
C GLY D 17 -52.56 -10.20 -47.19
N ARG D 18 -52.02 -9.80 -46.04
CA ARG D 18 -52.81 -9.16 -44.99
C ARG D 18 -54.02 -9.94 -44.48
N LYS D 19 -54.09 -11.24 -44.78
CA LYS D 19 -55.21 -12.06 -44.32
C LYS D 19 -54.69 -12.93 -43.19
N TYR D 20 -54.12 -12.24 -42.21
CA TYR D 20 -53.55 -12.85 -41.02
C TYR D 20 -54.56 -13.71 -40.27
N PRO D 21 -55.82 -13.28 -40.20
CA PRO D 21 -56.86 -14.05 -39.51
C PRO D 21 -57.08 -15.48 -40.06
N GLU D 22 -56.68 -15.68 -41.32
CA GLU D 22 -56.80 -16.97 -42.02
C GLU D 22 -55.43 -17.69 -42.12
N ALA D 23 -54.34 -16.96 -42.41
CA ALA D 23 -53.02 -17.60 -42.50
C ALA D 23 -52.73 -18.25 -41.15
N ALA D 24 -53.41 -17.79 -40.10
CA ALA D 24 -53.27 -18.31 -38.75
C ALA D 24 -53.97 -19.66 -38.61
N ALA D 25 -54.99 -19.85 -39.45
CA ALA D 25 -55.76 -21.10 -39.49
C ALA D 25 -55.11 -22.00 -40.56
N CYS D 26 -54.40 -21.37 -41.49
CA CYS D 26 -53.68 -22.06 -42.55
C CYS D 26 -52.42 -22.71 -41.94
N TYR D 27 -51.69 -21.93 -41.14
CA TYR D 27 -50.52 -22.43 -40.44
C TYR D 27 -51.05 -23.38 -39.37
N GLY D 28 -52.12 -22.99 -38.69
CA GLY D 28 -52.69 -23.84 -37.66
C GLY D 28 -52.93 -25.23 -38.18
N ARG D 29 -53.24 -25.29 -39.48
CA ARG D 29 -53.49 -26.54 -40.17
C ARG D 29 -52.18 -27.34 -40.22
N ALA D 30 -51.14 -26.75 -40.81
CA ALA D 30 -49.84 -27.43 -40.90
C ALA D 30 -49.34 -27.91 -39.55
N ILE D 31 -49.82 -27.31 -38.46
CA ILE D 31 -49.40 -27.69 -37.11
C ILE D 31 -50.12 -28.95 -36.63
N THR D 32 -51.38 -29.10 -37.05
CA THR D 32 -52.18 -30.28 -36.67
C THR D 32 -51.59 -31.47 -37.43
N ARG D 33 -51.27 -31.21 -38.69
CA ARG D 33 -50.70 -32.20 -39.57
C ARG D 33 -49.37 -32.70 -39.01
N ASN D 34 -48.61 -31.82 -38.37
CA ASN D 34 -47.32 -32.21 -37.80
C ASN D 34 -46.79 -31.18 -36.79
N PRO D 35 -47.10 -31.40 -35.50
CA PRO D 35 -46.68 -30.50 -34.41
C PRO D 35 -45.20 -30.38 -34.14
N LEU D 36 -44.40 -31.33 -34.63
CA LEU D 36 -42.97 -31.30 -34.37
C LEU D 36 -42.09 -30.23 -35.03
N VAL D 37 -42.60 -29.50 -36.02
CA VAL D 37 -41.78 -28.46 -36.63
C VAL D 37 -41.96 -27.18 -35.84
N ALA D 38 -40.87 -26.57 -35.40
CA ALA D 38 -40.98 -25.33 -34.65
C ALA D 38 -41.36 -24.17 -35.56
N VAL D 39 -40.72 -24.12 -36.72
CA VAL D 39 -40.99 -23.03 -37.63
C VAL D 39 -42.44 -22.63 -37.71
N TYR D 40 -43.35 -23.58 -37.84
CA TYR D 40 -44.78 -23.22 -37.94
C TYR D 40 -45.19 -22.33 -36.75
N TYR D 41 -45.01 -22.82 -35.52
CA TYR D 41 -45.37 -22.06 -34.33
C TYR D 41 -44.98 -20.60 -34.39
N THR D 42 -43.71 -20.32 -34.63
CA THR D 42 -43.32 -18.90 -34.68
C THR D 42 -44.07 -18.13 -35.76
N ASN D 43 -44.30 -18.76 -36.90
CA ASN D 43 -45.00 -18.09 -37.98
C ASN D 43 -46.39 -17.72 -37.58
N ARG D 44 -47.15 -18.70 -37.14
CA ARG D 44 -48.50 -18.39 -36.73
C ARG D 44 -48.41 -17.27 -35.70
N ALA D 45 -47.52 -17.45 -34.72
CA ALA D 45 -47.29 -16.46 -33.67
C ALA D 45 -47.03 -15.06 -34.26
N LEU D 46 -46.20 -14.97 -35.30
CA LEU D 46 -45.86 -13.70 -35.93
C LEU D 46 -47.07 -13.06 -36.54
N CYS D 47 -48.03 -13.89 -36.92
CA CYS D 47 -49.24 -13.36 -37.50
C CYS D 47 -50.10 -12.85 -36.37
N TYR D 48 -50.26 -13.66 -35.33
CA TYR D 48 -51.01 -13.22 -34.18
C TYR D 48 -50.59 -11.79 -33.73
N LEU D 49 -49.31 -11.47 -33.89
CA LEU D 49 -48.77 -10.15 -33.52
C LEU D 49 -49.28 -9.01 -34.38
N LYS D 50 -49.77 -9.32 -35.57
CA LYS D 50 -50.33 -8.29 -36.41
C LYS D 50 -51.81 -8.23 -36.12
N MET D 51 -52.13 -8.12 -34.84
CA MET D 51 -53.51 -8.00 -34.48
C MET D 51 -53.71 -7.73 -33.01
N GLN D 52 -53.74 -8.79 -32.22
CA GLN D 52 -53.98 -8.68 -30.79
C GLN D 52 -53.96 -10.11 -30.31
N GLN D 53 -52.73 -10.60 -30.15
CA GLN D 53 -52.44 -11.98 -29.74
C GLN D 53 -52.18 -12.31 -28.27
N PRO D 54 -52.30 -11.34 -27.35
CA PRO D 54 -52.06 -11.57 -25.93
C PRO D 54 -51.63 -12.99 -25.52
N GLU D 55 -52.48 -13.65 -24.74
CA GLU D 55 -52.24 -15.01 -24.22
C GLU D 55 -51.91 -16.04 -25.30
N GLN D 56 -52.43 -15.83 -26.50
CA GLN D 56 -52.21 -16.73 -27.65
C GLN D 56 -50.78 -16.80 -28.18
N ALA D 57 -50.36 -15.80 -28.96
CA ALA D 57 -49.00 -15.79 -29.49
C ALA D 57 -47.99 -16.29 -28.44
N LEU D 58 -48.21 -15.99 -27.15
CA LEU D 58 -47.30 -16.44 -26.09
C LEU D 58 -47.25 -17.97 -26.00
N ALA D 59 -48.39 -18.64 -26.15
CA ALA D 59 -48.39 -20.11 -26.08
C ALA D 59 -47.72 -20.67 -27.32
N ASP D 60 -47.81 -19.93 -28.43
CA ASP D 60 -47.20 -20.33 -29.70
C ASP D 60 -45.68 -20.30 -29.57
N CYS D 61 -45.16 -19.22 -29.00
CA CYS D 61 -43.74 -19.10 -28.79
C CYS D 61 -43.27 -20.13 -27.79
N ARG D 62 -44.04 -20.35 -26.72
CA ARG D 62 -43.65 -21.32 -25.71
C ARG D 62 -43.54 -22.72 -26.28
N ARG D 63 -44.33 -22.99 -27.32
CA ARG D 63 -44.34 -24.29 -27.99
C ARG D 63 -43.10 -24.45 -28.89
N ALA D 64 -42.74 -23.37 -29.58
CA ALA D 64 -41.59 -23.37 -30.46
C ALA D 64 -40.31 -23.51 -29.64
N LEU D 65 -40.27 -22.87 -28.48
CA LEU D 65 -39.08 -22.95 -27.64
C LEU D 65 -38.86 -24.38 -27.10
N GLU D 66 -39.95 -25.14 -26.95
CA GLU D 66 -39.87 -26.52 -26.47
C GLU D 66 -39.25 -27.44 -27.52
N LEU D 67 -39.37 -27.04 -28.78
CA LEU D 67 -38.84 -27.81 -29.92
C LEU D 67 -37.44 -27.35 -30.32
N ASP D 68 -37.11 -26.11 -29.96
CA ASP D 68 -35.78 -25.61 -30.21
C ASP D 68 -35.12 -25.21 -28.89
N GLY D 69 -35.39 -24.00 -28.43
CA GLY D 69 -34.79 -23.58 -27.18
C GLY D 69 -33.63 -22.64 -27.38
N GLN D 70 -33.26 -22.46 -28.63
CA GLN D 70 -32.20 -21.52 -28.96
C GLN D 70 -32.69 -20.72 -30.14
N SER D 71 -34.02 -20.66 -30.28
CA SER D 71 -34.68 -19.96 -31.37
C SER D 71 -34.62 -18.45 -31.18
N VAL D 72 -33.81 -17.80 -32.00
CA VAL D 72 -33.70 -16.35 -31.91
C VAL D 72 -35.06 -15.71 -32.12
N LYS D 73 -35.74 -16.12 -33.18
CA LYS D 73 -37.03 -15.57 -33.49
C LYS D 73 -38.08 -15.94 -32.43
N ALA D 74 -37.89 -17.07 -31.77
CA ALA D 74 -38.85 -17.45 -30.74
C ALA D 74 -38.73 -16.54 -29.52
N HIS D 75 -37.52 -16.26 -29.09
CA HIS D 75 -37.38 -15.40 -27.93
C HIS D 75 -37.94 -14.04 -28.30
N PHE D 76 -37.52 -13.53 -29.45
CA PHE D 76 -37.98 -12.22 -29.92
C PHE D 76 -39.48 -12.04 -29.80
N PHE D 77 -40.26 -12.88 -30.47
CA PHE D 77 -41.71 -12.74 -30.41
C PHE D 77 -42.27 -13.00 -29.02
N LEU D 78 -41.59 -13.81 -28.24
CA LEU D 78 -42.06 -14.06 -26.90
C LEU D 78 -41.92 -12.78 -26.12
N GLY D 79 -40.77 -12.12 -26.29
CA GLY D 79 -40.53 -10.87 -25.58
C GLY D 79 -41.20 -9.70 -26.27
N GLN D 80 -41.76 -9.95 -27.43
CA GLN D 80 -42.41 -8.90 -28.15
C GLN D 80 -43.85 -8.86 -27.75
N CYS D 81 -44.35 -10.03 -27.40
CA CYS D 81 -45.74 -10.11 -27.02
C CYS D 81 -45.85 -9.74 -25.55
N GLN D 82 -44.75 -9.81 -24.82
CA GLN D 82 -44.75 -9.45 -23.38
C GLN D 82 -44.65 -7.93 -23.21
N LEU D 83 -44.10 -7.28 -24.21
CA LEU D 83 -43.96 -5.85 -24.20
C LEU D 83 -45.34 -5.31 -24.54
N GLU D 84 -46.31 -6.22 -24.61
CA GLU D 84 -47.71 -5.89 -24.95
C GLU D 84 -48.63 -6.26 -23.79
N MET D 85 -48.13 -7.10 -22.90
CA MET D 85 -48.88 -7.53 -21.73
C MET D 85 -48.25 -6.87 -20.51
N GLU D 86 -47.50 -5.80 -20.74
CA GLU D 86 -46.84 -5.06 -19.68
C GLU D 86 -46.03 -5.92 -18.69
N SER D 87 -45.07 -6.68 -19.21
CA SER D 87 -44.22 -7.52 -18.37
C SER D 87 -42.79 -7.14 -18.76
N TYR D 88 -42.57 -5.82 -18.83
CA TYR D 88 -41.28 -5.24 -19.23
C TYR D 88 -40.08 -5.96 -18.69
N ASP D 89 -40.24 -6.56 -17.53
CA ASP D 89 -39.13 -7.27 -16.93
C ASP D 89 -38.68 -8.45 -17.78
N GLU D 90 -39.53 -9.48 -17.89
CA GLU D 90 -39.21 -10.68 -18.67
C GLU D 90 -39.10 -10.39 -20.16
N ALA D 91 -39.83 -9.36 -20.59
CA ALA D 91 -39.81 -8.95 -21.97
C ALA D 91 -38.39 -8.64 -22.43
N ILE D 92 -37.82 -7.60 -21.83
CA ILE D 92 -36.48 -7.20 -22.16
C ILE D 92 -35.58 -8.41 -21.93
N ALA D 93 -35.85 -9.19 -20.91
CA ALA D 93 -35.04 -10.36 -20.62
C ALA D 93 -34.93 -11.24 -21.84
N ASN D 94 -36.07 -11.45 -22.50
CA ASN D 94 -36.12 -12.26 -23.71
C ASN D 94 -35.50 -11.53 -24.90
N LEU D 95 -35.82 -10.26 -25.11
CA LEU D 95 -35.21 -9.54 -26.22
C LEU D 95 -33.70 -9.66 -26.14
N GLN D 96 -33.16 -9.57 -24.93
CA GLN D 96 -31.73 -9.68 -24.70
C GLN D 96 -31.31 -11.07 -25.11
N ARG D 97 -32.00 -12.09 -24.61
CA ARG D 97 -31.68 -13.47 -24.97
C ARG D 97 -31.66 -13.60 -26.49
N ALA D 98 -32.68 -13.04 -27.13
CA ALA D 98 -32.77 -13.10 -28.57
C ALA D 98 -31.58 -12.42 -29.20
N TYR D 99 -30.92 -11.55 -28.46
CA TYR D 99 -29.77 -10.86 -29.02
C TYR D 99 -28.54 -11.76 -28.90
N SER D 100 -28.11 -12.03 -27.69
CA SER D 100 -26.94 -12.87 -27.49
C SER D 100 -26.97 -14.16 -28.33
N LEU D 101 -28.16 -14.70 -28.57
CA LEU D 101 -28.30 -15.91 -29.39
C LEU D 101 -27.93 -15.63 -30.83
N ALA D 102 -28.59 -14.62 -31.39
CA ALA D 102 -28.37 -14.22 -32.76
C ALA D 102 -26.91 -13.92 -32.96
N LYS D 103 -26.17 -13.76 -31.88
CA LYS D 103 -24.76 -13.48 -32.01
C LYS D 103 -24.02 -14.80 -32.18
N GLU D 104 -24.19 -15.74 -31.24
CA GLU D 104 -23.53 -17.05 -31.37
C GLU D 104 -23.87 -17.61 -32.76
N GLN D 105 -25.15 -17.52 -33.12
CA GLN D 105 -25.61 -18.01 -34.39
C GLN D 105 -25.19 -17.14 -35.56
N ARG D 106 -24.22 -16.28 -35.31
CA ARG D 106 -23.71 -15.35 -36.34
C ARG D 106 -24.79 -14.91 -37.36
N LEU D 107 -25.87 -14.30 -36.87
CA LEU D 107 -26.97 -13.81 -37.71
C LEU D 107 -26.91 -12.30 -37.96
N ASN D 108 -27.78 -11.81 -38.85
CA ASN D 108 -27.82 -10.38 -39.17
C ASN D 108 -29.18 -9.72 -38.93
N PHE D 109 -29.20 -8.73 -38.05
CA PHE D 109 -30.44 -8.02 -37.72
C PHE D 109 -30.11 -6.63 -37.20
N GLY D 110 -29.24 -5.92 -37.90
CA GLY D 110 -28.88 -4.60 -37.46
C GLY D 110 -30.11 -3.82 -37.07
N ASP D 111 -29.97 -2.98 -36.04
CA ASP D 111 -31.06 -2.14 -35.55
C ASP D 111 -32.42 -2.84 -35.39
N ASP D 112 -32.46 -4.16 -35.57
CA ASP D 112 -33.72 -4.88 -35.41
C ASP D 112 -33.93 -5.19 -33.95
N ILE D 113 -33.00 -5.94 -33.39
CA ILE D 113 -33.08 -6.33 -31.99
C ILE D 113 -32.75 -5.15 -31.10
N PRO D 114 -31.58 -4.53 -31.31
CA PRO D 114 -31.24 -3.40 -30.45
C PRO D 114 -32.33 -2.33 -30.44
N SER D 115 -33.10 -2.26 -31.52
CA SER D 115 -34.18 -1.28 -31.57
C SER D 115 -35.39 -1.74 -30.77
N ALA D 116 -35.66 -3.04 -30.79
CA ALA D 116 -36.76 -3.58 -30.04
C ALA D 116 -36.39 -3.32 -28.60
N LEU D 117 -35.11 -3.48 -28.29
CA LEU D 117 -34.63 -3.24 -26.93
C LEU D 117 -34.81 -1.77 -26.59
N ARG D 118 -34.29 -0.86 -27.42
CA ARG D 118 -34.44 0.54 -27.13
C ARG D 118 -35.87 0.81 -26.74
N ILE D 119 -36.78 0.66 -27.68
CA ILE D 119 -38.19 0.89 -27.44
C ILE D 119 -38.69 0.22 -26.18
N ALA D 120 -38.31 -1.04 -25.95
CA ALA D 120 -38.75 -1.75 -24.76
C ALA D 120 -38.33 -1.05 -23.46
N LYS D 121 -37.19 -0.36 -23.52
CA LYS D 121 -36.65 0.37 -22.38
C LYS D 121 -37.52 1.60 -22.17
N LYS D 122 -37.65 2.43 -23.21
CA LYS D 122 -38.46 3.65 -23.16
C LYS D 122 -39.81 3.32 -22.57
N LYS D 123 -40.35 2.16 -22.91
CA LYS D 123 -41.64 1.78 -22.37
C LYS D 123 -41.51 1.60 -20.86
N ARG D 124 -40.74 0.59 -20.43
CA ARG D 124 -40.54 0.31 -19.00
C ARG D 124 -40.43 1.59 -18.19
N TRP D 125 -39.70 2.56 -18.72
CA TRP D 125 -39.52 3.82 -18.04
C TRP D 125 -40.84 4.57 -17.87
N ASN D 126 -41.37 5.14 -18.94
CA ASN D 126 -42.63 5.86 -18.88
C ASN D 126 -43.61 5.06 -18.05
N SER D 127 -43.45 3.74 -17.96
CA SER D 127 -44.37 2.99 -17.14
C SER D 127 -44.10 3.24 -15.69
N ILE D 128 -42.87 2.96 -15.27
CA ILE D 128 -42.43 3.11 -13.88
C ILE D 128 -42.55 4.56 -13.42
N GLU D 129 -42.31 5.49 -14.34
CA GLU D 129 -42.39 6.90 -14.08
C GLU D 129 -43.83 7.37 -13.87
N GLU D 130 -44.71 7.16 -14.83
CA GLU D 130 -46.10 7.57 -14.70
C GLU D 130 -46.64 7.13 -13.33
N ARG D 131 -46.43 5.88 -12.95
CA ARG D 131 -46.92 5.38 -11.67
C ARG D 131 -46.19 5.98 -10.48
N ARG D 132 -45.06 6.63 -10.75
CA ARG D 132 -44.30 7.28 -9.68
C ARG D 132 -45.01 8.57 -9.32
N ILE D 133 -45.36 9.36 -10.34
CA ILE D 133 -46.06 10.61 -10.13
C ILE D 133 -47.36 10.33 -9.38
N HIS D 134 -47.94 9.16 -9.61
CA HIS D 134 -49.18 8.78 -8.95
C HIS D 134 -49.03 8.78 -7.44
N GLN D 135 -48.09 7.97 -6.94
CA GLN D 135 -47.84 7.89 -5.50
C GLN D 135 -47.63 9.29 -4.92
N GLU D 136 -46.82 10.08 -5.62
CA GLU D 136 -46.53 11.43 -5.19
C GLU D 136 -47.79 12.26 -5.00
N SER D 137 -48.54 12.50 -6.08
CA SER D 137 -49.77 13.30 -5.98
C SER D 137 -50.81 12.66 -5.07
N GLU D 138 -50.81 11.35 -5.01
CA GLU D 138 -51.73 10.59 -4.19
C GLU D 138 -51.47 10.89 -2.71
N LEU D 139 -50.18 11.04 -2.39
CA LEU D 139 -49.72 11.34 -1.04
C LEU D 139 -49.90 12.82 -0.73
N HIS D 140 -49.34 13.65 -1.60
CA HIS D 140 -49.43 15.09 -1.45
C HIS D 140 -50.82 15.54 -1.07
N SER D 141 -51.81 15.05 -1.80
CA SER D 141 -53.19 15.43 -1.53
C SER D 141 -53.65 14.82 -0.21
N TYR D 142 -53.33 13.55 0.02
CA TYR D 142 -53.72 12.90 1.26
C TYR D 142 -53.11 13.57 2.46
N LEU D 143 -51.93 14.14 2.27
CA LEU D 143 -51.23 14.82 3.35
C LEU D 143 -51.79 16.21 3.52
N THR D 144 -51.71 17.01 2.47
CA THR D 144 -52.23 18.36 2.48
C THR D 144 -53.58 18.40 3.17
N ARG D 145 -54.37 17.34 3.03
CA ARG D 145 -55.69 17.31 3.67
C ARG D 145 -55.58 16.94 5.14
N LEU D 146 -54.62 16.10 5.50
CA LEU D 146 -54.45 15.73 6.92
C LEU D 146 -54.10 16.95 7.77
N ILE D 147 -53.27 17.82 7.20
CA ILE D 147 -52.86 19.06 7.87
C ILE D 147 -54.07 19.95 8.11
N ALA D 148 -54.64 20.48 7.02
CA ALA D 148 -55.80 21.37 7.11
C ALA D 148 -56.96 20.73 7.86
N ALA D 149 -56.95 19.40 7.99
CA ALA D 149 -58.00 18.68 8.68
C ALA D 149 -57.72 18.54 10.18
N GLU D 150 -56.55 17.99 10.51
CA GLU D 150 -56.18 17.80 11.91
C GLU D 150 -55.72 19.14 12.51
N ARG D 151 -55.97 20.22 11.76
CA ARG D 151 -55.63 21.57 12.20
C ARG D 151 -56.77 22.12 13.05
N GLU D 152 -57.99 22.07 12.52
CA GLU D 152 -59.16 22.53 13.25
C GLU D 152 -59.39 21.63 14.44
N ARG D 153 -58.97 20.38 14.30
CA ARG D 153 -59.14 19.41 15.37
C ARG D 153 -58.36 19.85 16.62
N GLU D 154 -57.65 20.97 16.50
CA GLU D 154 -56.86 21.53 17.60
C GLU D 154 -57.15 23.03 17.71
N LEU D 155 -57.73 23.58 16.66
CA LEU D 155 -58.07 24.99 16.62
C LEU D 155 -59.32 25.20 17.45
N GLU D 156 -60.48 25.03 16.84
CA GLU D 156 -61.76 25.18 17.52
C GLU D 156 -61.87 24.21 18.68
N GLU D 157 -60.86 23.36 18.84
CA GLU D 157 -60.84 22.39 19.93
C GLU D 157 -60.58 23.12 21.25
N CYS D 158 -59.32 23.17 21.64
CA CYS D 158 -58.91 23.82 22.87
C CYS D 158 -59.35 25.28 22.90
N GLN D 159 -59.34 25.90 21.73
CA GLN D 159 -59.74 27.29 21.60
C GLN D 159 -61.14 27.55 22.14
N ARG D 160 -62.14 27.36 21.31
CA ARG D 160 -63.52 27.61 21.72
C ARG D 160 -63.91 26.86 23.00
N ASN D 161 -62.98 26.07 23.56
CA ASN D 161 -63.25 25.30 24.80
C ASN D 161 -63.54 26.19 26.03
N HIS D 162 -62.51 26.88 26.51
CA HIS D 162 -62.65 27.75 27.68
C HIS D 162 -62.82 29.22 27.24
N GLU D 163 -64.07 29.68 27.23
CA GLU D 163 -64.44 31.04 26.83
C GLU D 163 -64.51 32.02 28.01
N GLY D 164 -64.70 31.47 29.22
CA GLY D 164 -64.79 32.28 30.42
C GLY D 164 -63.46 32.84 30.88
N HIS D 165 -62.39 32.06 30.73
CA HIS D 165 -61.04 32.47 31.12
C HIS D 165 -60.50 33.61 30.23
N GLU D 166 -60.37 33.33 28.94
CA GLU D 166 -59.88 34.29 27.94
C GLU D 166 -60.85 35.46 27.73
N ASP D 167 -60.40 36.50 27.03
CA ASP D 167 -61.23 37.66 26.77
C ASP D 167 -61.01 38.17 25.34
N ASP D 168 -61.07 37.25 24.37
CA ASP D 168 -60.88 37.59 22.96
C ASP D 168 -59.47 38.13 22.65
N GLY D 169 -59.16 39.34 23.13
CA GLY D 169 -57.86 39.93 22.87
C GLY D 169 -56.68 38.96 22.98
N HIS D 170 -56.79 38.04 23.94
CA HIS D 170 -55.74 37.04 24.17
C HIS D 170 -55.71 35.98 23.09
N ILE D 171 -56.85 35.31 22.89
CA ILE D 171 -56.92 34.25 21.90
C ILE D 171 -56.66 34.69 20.45
N ARG D 172 -56.58 35.99 20.21
CA ARG D 172 -56.30 36.48 18.85
C ARG D 172 -54.84 36.11 18.53
N ALA D 173 -53.90 36.60 19.36
CA ALA D 173 -52.48 36.32 19.16
C ALA D 173 -52.22 34.85 19.46
N GLN D 174 -53.14 34.27 20.20
CA GLN D 174 -53.05 32.87 20.59
C GLN D 174 -53.65 32.00 19.49
N GLN D 175 -54.43 32.63 18.61
CA GLN D 175 -55.06 31.91 17.50
C GLN D 175 -54.06 31.97 16.35
N ALA D 176 -53.82 33.18 15.84
CA ALA D 176 -52.88 33.37 14.73
C ALA D 176 -51.65 32.54 14.98
N CYS D 177 -51.31 32.33 16.25
CA CYS D 177 -50.15 31.53 16.58
C CYS D 177 -50.43 30.05 16.25
N ILE D 178 -51.50 29.50 16.82
CA ILE D 178 -51.86 28.10 16.59
C ILE D 178 -52.38 27.88 15.17
N GLU D 179 -52.22 28.88 14.32
CA GLU D 179 -52.64 28.75 12.95
C GLU D 179 -51.45 28.91 12.05
N ALA D 180 -50.65 29.94 12.28
CA ALA D 180 -49.45 30.16 11.46
C ALA D 180 -48.47 29.01 11.68
N LYS D 181 -48.76 28.15 12.65
CA LYS D 181 -47.92 27.00 12.91
C LYS D 181 -48.04 26.06 11.71
N HIS D 182 -49.30 25.71 11.39
CA HIS D 182 -49.61 24.83 10.29
C HIS D 182 -49.35 25.49 8.95
N ASP D 183 -49.61 26.79 8.85
CA ASP D 183 -49.37 27.47 7.61
C ASP D 183 -47.92 27.29 7.21
N LYS D 184 -47.03 27.15 8.18
CA LYS D 184 -45.63 26.96 7.82
C LYS D 184 -45.47 25.50 7.36
N TYR D 185 -45.85 24.55 8.23
CA TYR D 185 -45.75 23.14 7.90
C TYR D 185 -46.28 22.92 6.50
N MET D 186 -47.19 23.80 6.09
CA MET D 186 -47.77 23.71 4.77
C MET D 186 -46.74 24.16 3.75
N ALA D 187 -46.33 25.42 3.85
CA ALA D 187 -45.35 25.97 2.91
C ALA D 187 -44.03 25.21 2.93
N ASP D 188 -43.81 24.46 4.00
CA ASP D 188 -42.59 23.69 4.15
C ASP D 188 -42.71 22.37 3.42
N MET D 189 -43.89 21.77 3.54
CA MET D 189 -44.16 20.50 2.87
C MET D 189 -44.24 20.75 1.35
N ASP D 190 -44.98 21.77 0.93
CA ASP D 190 -45.06 22.11 -0.48
C ASP D 190 -43.67 22.45 -0.96
N GLU D 191 -42.79 22.77 -0.03
CA GLU D 191 -41.41 23.11 -0.37
C GLU D 191 -40.68 21.85 -0.69
N LEU D 192 -41.05 20.78 0.00
CA LEU D 192 -40.44 19.48 -0.18
C LEU D 192 -40.75 18.92 -1.57
N PHE D 193 -42.03 18.83 -1.92
CA PHE D 193 -42.42 18.33 -3.22
C PHE D 193 -41.79 19.20 -4.30
N SER D 194 -41.73 20.50 -4.06
CA SER D 194 -41.11 21.37 -5.05
C SER D 194 -39.66 20.96 -5.26
N GLN D 195 -39.02 20.41 -4.22
CA GLN D 195 -37.63 19.97 -4.30
C GLN D 195 -37.51 18.70 -5.13
N VAL D 196 -38.40 17.74 -4.87
CA VAL D 196 -38.42 16.48 -5.59
C VAL D 196 -38.62 16.76 -7.07
N ASP D 197 -39.59 17.61 -7.33
CA ASP D 197 -39.96 17.98 -8.68
C ASP D 197 -38.83 18.60 -9.47
N GLU D 198 -37.96 19.33 -8.80
CA GLU D 198 -36.85 19.96 -9.51
C GLU D 198 -35.73 18.94 -9.66
N LYS D 199 -35.78 17.88 -8.86
CA LYS D 199 -34.77 16.85 -8.93
C LYS D 199 -35.03 16.06 -10.21
N ARG D 200 -36.12 16.37 -10.89
CA ARG D 200 -36.51 15.73 -12.16
C ARG D 200 -35.98 16.57 -13.32
N LYS D 201 -36.30 17.87 -13.29
CA LYS D 201 -35.87 18.80 -14.31
C LYS D 201 -34.34 18.77 -14.47
N LYS D 202 -33.65 18.30 -13.45
CA LYS D 202 -32.18 18.23 -13.52
C LYS D 202 -31.73 16.83 -13.92
N ARG D 203 -30.63 16.76 -14.66
CA ARG D 203 -30.10 15.47 -15.10
C ARG D 203 -28.58 15.47 -15.25
N ASP D 204 -28.14 15.54 -16.49
CA ASP D 204 -26.72 15.55 -16.82
C ASP D 204 -25.99 14.28 -16.38
N ILE D 205 -25.12 13.86 -17.27
CA ILE D 205 -24.32 12.68 -17.11
C ILE D 205 -22.91 13.10 -16.74
N PRO D 206 -22.36 12.50 -15.69
CA PRO D 206 -20.99 12.85 -15.29
C PRO D 206 -20.07 12.81 -16.52
N ASP D 207 -19.18 13.79 -16.65
CA ASP D 207 -18.29 13.82 -17.79
C ASP D 207 -17.47 12.54 -18.02
N TYR D 208 -16.94 12.01 -16.92
CA TYR D 208 -16.11 10.81 -16.93
C TYR D 208 -16.93 9.56 -17.19
N LEU D 209 -18.17 9.76 -17.63
CA LEU D 209 -19.11 8.69 -17.97
C LEU D 209 -19.54 8.82 -19.42
N CYS D 210 -18.91 9.74 -20.15
CA CYS D 210 -19.29 9.98 -21.53
C CYS D 210 -18.11 9.85 -22.44
N GLY D 211 -18.38 9.56 -23.71
CA GLY D 211 -17.31 9.42 -24.69
C GLY D 211 -16.67 10.71 -25.18
N LYS D 212 -15.35 10.68 -25.38
CA LYS D 212 -14.61 11.83 -25.87
C LYS D 212 -15.11 12.16 -27.27
N ILE D 213 -15.86 11.24 -27.85
CA ILE D 213 -16.38 11.41 -29.20
C ILE D 213 -17.88 11.50 -29.24
N SER D 214 -18.56 10.56 -28.57
CA SER D 214 -20.02 10.56 -28.56
C SER D 214 -20.58 11.74 -27.76
N PHE D 215 -19.92 12.09 -26.66
CA PHE D 215 -20.42 13.17 -25.82
C PHE D 215 -21.72 12.73 -25.17
N GLU D 216 -21.95 11.41 -25.20
CA GLU D 216 -23.13 10.82 -24.59
C GLU D 216 -22.73 9.61 -23.75
N LEU D 217 -23.55 9.25 -22.78
CA LEU D 217 -23.27 8.11 -21.92
C LEU D 217 -22.60 6.99 -22.69
N MET D 218 -21.62 6.31 -22.09
CA MET D 218 -20.90 5.20 -22.74
C MET D 218 -21.66 3.91 -22.57
N ARG D 219 -21.97 3.25 -23.68
CA ARG D 219 -22.70 2.00 -23.62
C ARG D 219 -21.82 0.76 -23.79
N GLU D 220 -20.64 0.97 -24.34
CA GLU D 220 -19.65 -0.07 -24.55
C GLU D 220 -18.28 0.56 -24.35
N PRO D 221 -17.89 0.82 -23.09
CA PRO D 221 -16.58 1.43 -22.84
C PRO D 221 -15.38 0.56 -23.23
N CYS D 222 -14.43 1.11 -23.99
CA CYS D 222 -13.22 0.38 -24.37
C CYS D 222 -11.99 1.29 -24.32
N ILE D 223 -11.13 1.05 -23.35
CA ILE D 223 -9.94 1.84 -23.16
C ILE D 223 -8.91 1.58 -24.25
N THR D 224 -8.08 2.57 -24.53
CA THR D 224 -7.05 2.39 -25.55
C THR D 224 -5.72 2.38 -24.83
N PRO D 225 -4.62 2.13 -25.54
CA PRO D 225 -3.29 2.09 -24.95
C PRO D 225 -2.99 3.27 -24.02
N SER D 226 -3.22 4.48 -24.53
CA SER D 226 -2.96 5.71 -23.76
C SER D 226 -3.72 5.76 -22.44
N GLY D 227 -4.93 5.22 -22.41
CA GLY D 227 -5.69 5.22 -21.19
C GLY D 227 -7.03 5.93 -21.35
N ILE D 228 -7.39 6.27 -22.58
CA ILE D 228 -8.67 6.96 -22.76
C ILE D 228 -9.81 5.98 -23.05
N THR D 229 -10.99 6.25 -22.50
CA THR D 229 -12.12 5.36 -22.75
C THR D 229 -13.13 5.95 -23.74
N TYR D 230 -13.55 5.15 -24.72
CA TYR D 230 -14.53 5.59 -25.69
C TYR D 230 -15.60 4.54 -25.81
N ASP D 231 -16.58 4.82 -26.67
CA ASP D 231 -17.67 3.91 -26.88
C ASP D 231 -17.28 2.96 -28.01
N ARG D 232 -17.53 1.66 -27.84
CA ARG D 232 -17.13 0.69 -28.86
C ARG D 232 -17.61 1.02 -30.26
N LYS D 233 -18.36 2.10 -30.41
CA LYS D 233 -18.88 2.48 -31.72
C LYS D 233 -18.11 3.64 -32.34
N ASP D 234 -18.13 4.79 -31.66
CA ASP D 234 -17.46 5.99 -32.12
C ASP D 234 -16.01 5.80 -32.53
N ILE D 235 -15.22 5.15 -31.68
CA ILE D 235 -13.83 4.93 -32.02
C ILE D 235 -13.77 3.83 -33.05
N GLU D 236 -14.70 2.90 -32.95
CA GLU D 236 -14.72 1.80 -33.89
C GLU D 236 -14.83 2.41 -35.28
N GLU D 237 -15.62 3.47 -35.41
CA GLU D 237 -15.80 4.13 -36.71
C GLU D 237 -14.68 5.10 -36.99
N HIS D 238 -14.47 6.04 -36.07
CA HIS D 238 -13.41 7.02 -36.20
C HIS D 238 -12.17 6.37 -36.81
N LEU D 239 -11.72 5.30 -36.18
CA LEU D 239 -10.55 4.59 -36.65
C LEU D 239 -10.59 4.33 -38.13
N GLN D 240 -11.72 3.81 -38.61
CA GLN D 240 -11.82 3.54 -40.03
C GLN D 240 -12.84 4.43 -40.71
N ARG D 241 -12.43 5.66 -40.99
CA ARG D 241 -13.28 6.63 -41.65
C ARG D 241 -12.51 7.95 -41.59
N VAL D 242 -11.65 8.04 -40.57
CA VAL D 242 -10.84 9.23 -40.38
C VAL D 242 -9.35 8.87 -40.37
N GLY D 243 -8.98 7.93 -39.52
CA GLY D 243 -7.59 7.53 -39.47
C GLY D 243 -7.27 6.59 -38.32
N HIS D 244 -6.07 6.02 -38.35
CA HIS D 244 -5.65 5.09 -37.31
C HIS D 244 -4.85 5.78 -36.22
N PHE D 245 -5.53 6.60 -35.43
CA PHE D 245 -4.88 7.32 -34.35
C PHE D 245 -5.86 7.72 -33.24
N ASN D 246 -5.33 7.77 -32.01
CA ASN D 246 -6.09 8.14 -30.83
C ASN D 246 -6.54 9.58 -31.02
N PRO D 247 -7.86 9.82 -31.03
CA PRO D 247 -8.39 11.18 -31.21
C PRO D 247 -7.89 12.19 -30.18
N VAL D 248 -7.52 11.72 -29.00
CA VAL D 248 -7.03 12.61 -27.95
C VAL D 248 -5.51 12.75 -27.89
N THR D 249 -4.79 11.64 -27.82
CA THR D 249 -3.33 11.69 -27.74
C THR D 249 -2.67 11.71 -29.12
N ARG D 250 -3.48 11.50 -30.17
CA ARG D 250 -2.99 11.48 -31.55
C ARG D 250 -1.99 10.35 -31.86
N SER D 251 -1.63 9.55 -30.87
CA SER D 251 -0.70 8.43 -31.08
C SER D 251 -1.34 7.49 -32.09
N PRO D 252 -0.55 6.57 -32.66
CA PRO D 252 -1.07 5.60 -33.63
C PRO D 252 -1.91 4.53 -32.93
N LEU D 253 -3.11 4.26 -33.43
CA LEU D 253 -4.00 3.26 -32.82
C LEU D 253 -4.76 2.41 -33.84
N THR D 254 -4.97 1.13 -33.50
CA THR D 254 -5.71 0.19 -34.36
C THR D 254 -6.73 -0.56 -33.52
N GLN D 255 -7.93 -0.73 -34.06
CA GLN D 255 -9.02 -1.42 -33.38
C GLN D 255 -8.58 -2.60 -32.53
N GLU D 256 -7.67 -3.40 -33.07
CA GLU D 256 -7.15 -4.56 -32.38
C GLU D 256 -6.58 -4.21 -31.00
N GLN D 257 -6.36 -2.93 -30.73
CA GLN D 257 -5.81 -2.54 -29.44
C GLN D 257 -6.88 -2.05 -28.46
N LEU D 258 -8.13 -2.10 -28.88
CA LEU D 258 -9.21 -1.63 -28.03
C LEU D 258 -9.60 -2.59 -26.90
N ILE D 259 -8.92 -2.50 -25.77
CA ILE D 259 -9.23 -3.36 -24.64
C ILE D 259 -10.55 -2.94 -23.99
N PRO D 260 -11.55 -3.84 -23.96
CA PRO D 260 -12.84 -3.51 -23.36
C PRO D 260 -12.70 -3.22 -21.88
N ASN D 261 -12.95 -1.97 -21.52
CA ASN D 261 -12.84 -1.53 -20.15
C ASN D 261 -14.01 -2.11 -19.37
N LEU D 262 -13.75 -3.19 -18.66
CA LEU D 262 -14.78 -3.85 -17.88
C LEU D 262 -15.27 -3.07 -16.70
N ALA D 263 -14.35 -2.65 -15.83
CA ALA D 263 -14.77 -1.92 -14.63
C ALA D 263 -15.74 -0.79 -14.96
N MET D 264 -15.47 -0.07 -16.06
CA MET D 264 -16.32 1.03 -16.46
C MET D 264 -17.70 0.53 -16.85
N LYS D 265 -17.76 -0.60 -17.53
CA LYS D 265 -19.04 -1.17 -17.91
C LYS D 265 -19.86 -1.44 -16.66
N GLU D 266 -19.19 -1.93 -15.62
CA GLU D 266 -19.83 -2.23 -14.34
C GLU D 266 -20.30 -0.96 -13.63
N VAL D 267 -19.60 0.14 -13.89
CA VAL D 267 -19.91 1.44 -13.30
C VAL D 267 -21.08 2.07 -14.05
N ILE D 268 -21.01 2.07 -15.38
CA ILE D 268 -22.06 2.62 -16.24
C ILE D 268 -23.35 1.90 -16.00
N ASP D 269 -23.23 0.60 -15.76
CA ASP D 269 -24.38 -0.24 -15.49
C ASP D 269 -25.12 0.29 -14.28
N ALA D 270 -24.43 0.29 -13.15
CA ALA D 270 -24.97 0.77 -11.88
C ALA D 270 -25.60 2.15 -12.00
N PHE D 271 -25.03 2.97 -12.88
CA PHE D 271 -25.49 4.33 -13.11
C PHE D 271 -26.89 4.34 -13.65
N ILE D 272 -27.14 3.44 -14.59
CA ILE D 272 -28.46 3.34 -15.20
C ILE D 272 -29.49 2.77 -14.23
N SER D 273 -29.08 1.85 -13.37
CA SER D 273 -30.00 1.26 -12.40
C SER D 273 -30.68 2.36 -11.60
N GLU D 274 -29.94 3.42 -11.32
CA GLU D 274 -30.47 4.53 -10.56
C GLU D 274 -30.81 5.69 -11.47
N ASN D 275 -30.90 5.44 -12.77
CA ASN D 275 -31.21 6.52 -13.68
C ASN D 275 -32.01 6.05 -14.87
N GLY D 276 -33.15 5.42 -14.57
CA GLY D 276 -34.04 4.89 -15.60
C GLY D 276 -34.37 5.92 -16.67
N TRP D 277 -34.27 7.19 -16.33
CA TRP D 277 -34.56 8.21 -17.28
C TRP D 277 -33.55 8.22 -18.42
N VAL D 278 -32.41 7.56 -18.23
CA VAL D 278 -31.37 7.52 -19.27
C VAL D 278 -31.86 6.80 -20.54
N GLU D 279 -32.84 5.93 -20.34
CA GLU D 279 -33.47 5.14 -21.37
C GLU D 279 -34.67 5.89 -21.90
N ASP D 280 -34.45 7.03 -22.56
CA ASP D 280 -35.61 7.76 -23.06
C ASP D 280 -35.39 8.33 -24.45
N TYR D 281 -36.50 8.61 -25.13
CA TYR D 281 -36.50 9.13 -26.50
C TYR D 281 -36.73 10.64 -26.61
N ASP E 1 -0.79 15.90 5.55
CA ASP E 1 -1.80 16.24 4.50
C ASP E 1 -1.42 17.55 3.80
N THR E 2 -0.11 17.78 3.65
CA THR E 2 0.41 19.00 3.02
C THR E 2 0.13 19.05 1.52
N SER E 3 1.18 18.80 0.73
CA SER E 3 1.11 18.80 -0.74
C SER E 3 2.53 18.86 -1.27
N ARG E 4 2.85 18.00 -2.24
CA ARG E 4 4.20 18.00 -2.77
C ARG E 4 4.41 18.90 -4.00
N MET E 5 5.61 18.88 -4.53
CA MET E 5 5.89 19.71 -5.68
C MET E 5 6.02 18.91 -6.93
N GLU E 6 6.44 17.65 -6.79
CA GLU E 6 6.60 16.78 -7.94
C GLU E 6 5.21 16.40 -8.46
N GLU E 7 4.23 17.27 -8.24
CA GLU E 7 2.87 17.02 -8.70
C GLU E 7 2.35 18.17 -9.55
N VAL E 8 1.68 17.84 -10.64
CA VAL E 8 1.10 18.83 -11.55
C VAL E 8 -0.22 19.27 -10.95
N ASP E 9 -0.16 19.88 -9.77
CA ASP E 9 -1.34 20.34 -9.04
C ASP E 9 -2.28 19.15 -8.76
N ASP F 1 18.30 -13.80 41.60
CA ASP F 1 17.42 -14.98 41.40
C ASP F 1 16.79 -14.95 40.00
N THR F 2 17.55 -14.44 39.03
CA THR F 2 17.09 -14.32 37.64
C THR F 2 16.93 -15.67 36.95
N SER F 3 17.88 -16.00 36.07
CA SER F 3 17.89 -17.25 35.30
C SER F 3 18.88 -17.10 34.17
N ARG F 4 19.75 -18.08 33.98
CA ARG F 4 20.75 -17.98 32.92
C ARG F 4 20.31 -18.59 31.59
N MET F 5 21.21 -18.56 30.62
CA MET F 5 20.86 -19.10 29.33
C MET F 5 21.59 -20.40 29.06
N GLU F 6 22.74 -20.56 29.68
CA GLU F 6 23.52 -21.78 29.48
C GLU F 6 22.83 -22.94 30.21
N GLU F 7 21.52 -22.83 30.39
CA GLU F 7 20.74 -23.85 31.07
C GLU F 7 19.60 -24.37 30.20
N VAL F 8 19.42 -25.69 30.18
CA VAL F 8 18.34 -26.31 29.41
C VAL F 8 17.07 -26.19 30.24
N ASP F 9 16.63 -24.95 30.48
CA ASP F 9 15.44 -24.67 31.27
C ASP F 9 15.58 -25.24 32.70
N ASP G 1 -3.82 -23.63 -7.86
CA ASP G 1 -3.28 -24.77 -7.05
C ASP G 1 -2.56 -24.25 -5.80
N THR G 2 -3.08 -23.15 -5.24
CA THR G 2 -2.51 -22.53 -4.05
C THR G 2 -2.69 -23.36 -2.79
N SER G 3 -3.63 -22.96 -1.93
CA SER G 3 -3.95 -23.64 -0.67
C SER G 3 -4.77 -22.69 0.19
N ARG G 4 -5.86 -23.18 0.76
CA ARG G 4 -6.71 -22.31 1.57
C ARG G 4 -6.37 -22.30 3.05
N MET G 5 -7.14 -21.56 3.82
CA MET G 5 -6.88 -21.49 5.23
C MET G 5 -7.91 -22.23 6.02
N GLU G 6 -9.12 -22.34 5.48
CA GLU G 6 -10.18 -23.04 6.17
C GLU G 6 -9.91 -24.55 6.12
N GLU G 7 -8.63 -24.91 6.03
CA GLU G 7 -8.24 -26.31 5.98
C GLU G 7 -7.23 -26.65 7.07
N VAL G 8 -7.41 -27.80 7.71
CA VAL G 8 -6.51 -28.25 8.77
C VAL G 8 -5.32 -28.90 8.08
N ASP G 9 -4.57 -28.10 7.32
CA ASP G 9 -3.39 -28.58 6.59
C ASP G 9 -3.82 -29.68 5.60
N ASP H 1 -29.04 -5.40 -47.33
CA ASP H 1 -29.57 -6.71 -47.84
C ASP H 1 -29.56 -7.76 -46.72
N THR H 2 -29.81 -7.31 -45.49
CA THR H 2 -29.83 -8.18 -44.32
C THR H 2 -31.01 -9.15 -44.31
N SER H 3 -32.01 -8.87 -43.47
CA SER H 3 -33.22 -9.68 -43.32
C SER H 3 -33.93 -9.26 -42.04
N ARG H 4 -35.23 -9.02 -42.12
CA ARG H 4 -35.94 -8.60 -40.93
C ARG H 4 -36.54 -9.73 -40.10
N MET H 5 -37.24 -9.38 -39.04
CA MET H 5 -37.84 -10.39 -38.20
C MET H 5 -39.32 -10.46 -38.37
N GLU H 6 -39.93 -9.33 -38.74
CA GLU H 6 -41.37 -9.28 -38.91
C GLU H 6 -41.74 -10.03 -40.18
N GLU H 7 -40.91 -10.99 -40.57
CA GLU H 7 -41.14 -11.79 -41.77
C GLU H 7 -41.16 -13.29 -41.46
N VAL H 8 -42.15 -14.00 -42.03
CA VAL H 8 -42.26 -15.44 -41.85
C VAL H 8 -41.27 -16.09 -42.80
N ASP H 9 -39.98 -15.84 -42.58
CA ASP H 9 -38.90 -16.40 -43.43
C ASP H 9 -39.07 -15.94 -44.89
S SO4 I . -9.48 29.57 -23.90
O1 SO4 I . -10.65 30.38 -24.27
O2 SO4 I . -9.33 29.58 -22.43
O3 SO4 I . -8.26 30.13 -24.55
O4 SO4 I . -9.67 28.19 -24.37
S SO4 J . 19.12 32.34 -13.49
O1 SO4 J . 17.64 32.39 -13.55
O2 SO4 J . 19.59 33.16 -12.36
O3 SO4 J . 19.69 32.84 -14.76
O4 SO4 J . 19.54 30.92 -13.30
S SO4 K . -10.06 10.76 -19.58
O1 SO4 K . -10.55 11.14 -18.24
O2 SO4 K . -10.66 11.66 -20.61
O3 SO4 K . -10.50 9.34 -19.83
O4 SO4 K . -8.57 10.84 -19.63
S SO4 L . 4.67 -37.75 21.75
O1 SO4 L . 4.25 -36.59 22.58
O2 SO4 L . 3.54 -38.68 21.62
O3 SO4 L . 5.78 -38.42 22.44
O4 SO4 L . 5.10 -37.31 20.41
S SO4 M . 21.52 -15.05 9.90
O1 SO4 M . 21.57 -13.70 10.49
O2 SO4 M . 21.18 -14.98 8.46
O3 SO4 M . 20.48 -15.85 10.58
O4 SO4 M . 22.85 -15.70 10.07
NI NI N . -3.18 -8.34 44.83
NI NI O . 0.61 -7.12 47.57
NI NI P . 3.21 -3.60 47.17
NI NI Q . -2.26 -2.33 43.51
S SO4 R . -5.66 -8.95 20.55
O1 SO4 R . -5.03 -9.87 19.58
O2 SO4 R . -5.25 -7.57 20.22
O3 SO4 R . -5.24 -9.30 21.92
O4 SO4 R . -7.13 -9.07 20.45
S SO4 S . -40.01 -16.19 -19.06
O1 SO4 S . -38.72 -16.70 -19.60
O2 SO4 S . -39.76 -15.13 -18.06
O3 SO4 S . -40.75 -17.30 -18.44
O4 SO4 S . -40.81 -15.60 -20.17
#